data_9B9O
#
_entry.id   9B9O
#
_cell.length_a   124.991
_cell.length_b   55.849
_cell.length_c   96.558
_cell.angle_alpha   90.00
_cell.angle_beta   96.80
_cell.angle_gamma   90.00
#
_symmetry.space_group_name_H-M   'C 1 2 1'
#
loop_
_entity.id
_entity.type
_entity.pdbx_description
1 polymer 'Pyrroloquinoline quinone (Coenzyme PQQ) biosynthesis protein C'
2 non-polymer 'FE (II) ION'
3 non-polymer '(2R)-2-{[(2Z)-2-(hydroxyimino)ethyl]sulfanyl}butanedioic acid'
4 water water
#
_entity_poly.entity_id   1
_entity_poly.type   'polypeptide(L)'
_entity_poly.pdbx_seq_one_letter_code
;MHHHHHHSSGVDLGTENLYFQSNMNTRNFSLPQLQNLPIEEARIVADALAVHATSRQIDSAASKLAALAEAGLKGDRQAY
AAYQQLLYVLSLSDDVATAQTRRWLARAIYRVEERFMPAADLSRALSEEDFQKRLEQEIAAQSRERHPMSQYVFSGSASR
AQLQVFLRHQWFRTFRLYRDAADLLVNLTDVDEAAALARYLYGELGEEDEKGSHPRLLAKLLEAIGLEADFQAVSTMPEE
IAYLNNRARAFRHAEVGWGLAVFYITELVVPGNHEKLYRALLQAGLSEDQAEYYKVHISLVPPRAKREWQLIARRIPDVQ
FQNAFLTSLSQHFRVERAYYDAIWEEMQSVK
;
_entity_poly.pdbx_strand_id   A,B
#
loop_
_chem_comp.id
_chem_comp.type
_chem_comp.name
_chem_comp.formula
A1AL2 non-polymer '(2R)-2-{[(2Z)-2-(hydroxyimino)ethyl]sulfanyl}butanedioic acid' 'C6 H9 N O5 S'
FE2 non-polymer 'FE (II) ION' 'Fe 2'
#
# COMPACT_ATOMS: atom_id res chain seq x y z
N ASN A 25 -17.78 15.03 -7.76
CA ASN A 25 -17.15 15.67 -6.61
C ASN A 25 -17.91 15.23 -5.33
N THR A 26 -17.49 14.08 -4.81
CA THR A 26 -18.05 13.52 -3.59
C THR A 26 -17.64 14.35 -2.38
N ARG A 27 -18.38 14.18 -1.29
CA ARG A 27 -18.16 14.94 -0.06
C ARG A 27 -16.75 14.70 0.54
N ASN A 28 -16.16 13.52 0.37
CA ASN A 28 -14.84 13.32 0.96
C ASN A 28 -13.71 13.36 -0.07
N PHE A 29 -13.93 14.03 -1.20
CA PHE A 29 -12.85 14.34 -2.10
C PHE A 29 -12.16 15.62 -1.64
N SER A 30 -10.94 15.83 -2.14
CA SER A 30 -10.11 16.91 -1.62
C SER A 30 -10.65 18.28 -2.02
N LEU A 31 -11.02 18.43 -3.29
CA LEU A 31 -11.43 19.74 -3.77
C LEU A 31 -12.74 20.23 -3.14
N PRO A 32 -13.80 19.41 -3.00
CA PRO A 32 -14.99 19.90 -2.29
C PRO A 32 -14.71 20.27 -0.83
N GLN A 33 -13.86 19.50 -0.14
CA GLN A 33 -13.52 19.84 1.24
C GLN A 33 -12.72 21.14 1.29
N LEU A 34 -11.81 21.33 0.33
CA LEU A 34 -11.00 22.55 0.32
C LEU A 34 -11.85 23.77 0.03
N GLN A 35 -12.85 23.64 -0.84
CA GLN A 35 -13.67 24.80 -1.18
C GLN A 35 -14.43 25.32 0.03
N ASN A 36 -14.70 24.44 1.01
CA ASN A 36 -15.38 24.78 2.24
C ASN A 36 -14.46 25.26 3.34
N LEU A 37 -13.17 25.45 3.07
CA LEU A 37 -12.34 25.96 4.14
C LEU A 37 -11.99 27.41 3.88
N PRO A 38 -12.50 28.35 4.67
CA PRO A 38 -12.25 29.78 4.42
C PRO A 38 -10.79 30.17 4.66
N ILE A 39 -9.83 29.45 4.10
CA ILE A 39 -8.40 29.69 4.33
C ILE A 39 -7.76 29.96 2.98
N GLU A 40 -6.86 30.96 2.91
CA GLU A 40 -6.12 31.21 1.67
C GLU A 40 -5.26 30.01 1.26
N GLU A 41 -4.65 29.33 2.23
CA GLU A 41 -3.86 28.16 1.87
C GLU A 41 -4.71 27.07 1.26
N ALA A 42 -6.03 27.11 1.50
CA ALA A 42 -6.88 26.11 0.87
C ALA A 42 -6.94 26.31 -0.62
N ARG A 43 -6.91 27.58 -1.07
CA ARG A 43 -6.89 27.84 -2.51
C ARG A 43 -5.53 27.49 -3.11
N ILE A 44 -4.44 27.80 -2.40
CA ILE A 44 -3.12 27.42 -2.92
C ILE A 44 -3.02 25.89 -3.05
N VAL A 45 -3.56 25.15 -2.07
CA VAL A 45 -3.52 23.68 -2.16
C VAL A 45 -4.38 23.21 -3.32
N ALA A 46 -5.59 23.80 -3.47
CA ALA A 46 -6.47 23.46 -4.59
C ALA A 46 -5.75 23.60 -5.92
N ASP A 47 -5.06 24.74 -6.12
CA ASP A 47 -4.28 24.94 -7.36
C ASP A 47 -3.18 23.89 -7.50
N ALA A 48 -2.57 23.50 -6.38
CA ALA A 48 -1.48 22.53 -6.45
C ALA A 48 -1.96 21.13 -6.80
N LEU A 49 -3.25 20.85 -6.62
CA LEU A 49 -3.84 19.55 -6.90
C LEU A 49 -4.47 19.46 -8.27
N ALA A 50 -4.44 20.54 -9.06
CA ALA A 50 -4.94 20.54 -10.43
C ALA A 50 -4.16 19.57 -11.31
N VAL A 51 -4.82 19.06 -12.36
CA VAL A 51 -4.23 18.00 -13.17
C VAL A 51 -2.92 18.43 -13.83
N HIS A 52 -2.82 19.69 -14.25
CA HIS A 52 -1.59 20.20 -14.86
C HIS A 52 -0.85 21.17 -13.94
N ALA A 53 -0.94 20.96 -12.63
CA ALA A 53 -0.22 21.81 -11.70
C ALA A 53 1.28 21.71 -11.95
N THR A 54 1.95 22.84 -11.90
CA THR A 54 3.38 22.89 -12.13
C THR A 54 4.15 22.61 -10.85
N SER A 55 5.42 22.23 -11.02
CA SER A 55 6.28 22.00 -9.87
C SER A 55 6.36 23.26 -8.99
N ARG A 56 6.30 24.45 -9.60
N ARG A 56 6.30 24.45 -9.60
CA ARG A 56 6.34 25.69 -8.83
CA ARG A 56 6.34 25.68 -8.81
C ARG A 56 5.11 25.82 -7.93
C ARG A 56 5.10 25.84 -7.93
N GLN A 57 3.93 25.49 -8.45
CA GLN A 57 2.71 25.53 -7.63
C GLN A 57 2.74 24.50 -6.50
N ILE A 58 3.31 23.32 -6.77
CA ILE A 58 3.35 22.31 -5.73
C ILE A 58 4.35 22.69 -4.65
N ASP A 59 5.53 23.20 -5.04
CA ASP A 59 6.48 23.66 -4.03
C ASP A 59 5.94 24.87 -3.25
N SER A 60 5.17 25.74 -3.91
CA SER A 60 4.54 26.84 -3.17
C SER A 60 3.57 26.31 -2.12
N ALA A 61 2.68 25.40 -2.53
CA ALA A 61 1.78 24.80 -1.55
C ALA A 61 2.57 24.19 -0.38
N ALA A 62 3.63 23.42 -0.70
CA ALA A 62 4.43 22.78 0.35
C ALA A 62 5.04 23.81 1.29
N SER A 63 5.58 24.90 0.74
CA SER A 63 6.16 25.93 1.61
C SER A 63 5.14 26.59 2.49
N LYS A 64 4.01 26.97 1.94
CA LYS A 64 3.03 27.66 2.77
C LYS A 64 2.39 26.73 3.77
N LEU A 65 2.28 25.43 3.43
CA LEU A 65 1.74 24.50 4.41
C LEU A 65 2.73 24.32 5.55
N ALA A 66 4.02 24.17 5.23
CA ALA A 66 5.02 24.03 6.27
C ALA A 66 5.05 25.28 7.15
N ALA A 67 4.95 26.48 6.56
CA ALA A 67 4.98 27.70 7.36
C ALA A 67 3.72 27.79 8.22
N LEU A 68 2.58 27.36 7.69
CA LEU A 68 1.34 27.34 8.46
C LEU A 68 1.45 26.41 9.66
N ALA A 69 1.98 25.20 9.43
CA ALA A 69 2.14 24.25 10.52
C ALA A 69 3.11 24.81 11.55
N GLU A 70 4.20 25.45 11.10
CA GLU A 70 5.14 26.03 12.06
C GLU A 70 4.47 27.11 12.90
N ALA A 71 3.70 28.00 12.26
CA ALA A 71 3.03 29.05 13.01
C ALA A 71 2.01 28.46 13.98
N GLY A 72 1.29 27.43 13.56
CA GLY A 72 0.30 26.84 14.46
C GLY A 72 0.93 26.11 15.62
N LEU A 73 2.02 25.36 15.37
CA LEU A 73 2.65 24.63 16.46
C LEU A 73 3.43 25.50 17.43
N LYS A 74 3.74 26.77 17.07
CA LYS A 74 4.36 27.67 18.03
C LYS A 74 3.33 28.45 18.84
N GLY A 75 2.04 28.32 18.55
CA GLY A 75 1.03 28.93 19.41
C GLY A 75 -0.08 29.75 18.78
N ASP A 76 -0.06 29.91 17.46
CA ASP A 76 -1.10 30.59 16.70
C ASP A 76 -2.25 29.59 16.60
N ARG A 77 -3.32 29.79 17.39
CA ARG A 77 -4.42 28.84 17.44
C ARG A 77 -5.15 28.70 16.12
N GLN A 78 -5.29 29.80 15.37
CA GLN A 78 -6.00 29.71 14.10
C GLN A 78 -5.13 29.02 13.06
N ALA A 79 -3.83 29.33 13.01
CA ALA A 79 -2.96 28.58 12.12
C ALA A 79 -2.91 27.11 12.52
N TYR A 80 -3.07 26.79 13.81
CA TYR A 80 -3.05 25.41 14.25
C TYR A 80 -4.26 24.65 13.71
N ALA A 81 -5.46 25.19 13.98
CA ALA A 81 -6.67 24.58 13.44
C ALA A 81 -6.63 24.52 11.91
N ALA A 82 -6.09 25.57 11.28
CA ALA A 82 -6.09 25.62 9.82
C ALA A 82 -5.22 24.53 9.21
N TYR A 83 -4.01 24.32 9.76
CA TYR A 83 -3.15 23.34 9.13
C TYR A 83 -3.67 21.94 9.44
N GLN A 84 -4.33 21.79 10.61
CA GLN A 84 -4.89 20.49 10.94
C GLN A 84 -6.04 20.11 9.99
N GLN A 85 -6.91 21.06 9.67
CA GLN A 85 -7.98 20.81 8.69
C GLN A 85 -7.41 20.50 7.31
N LEU A 86 -6.43 21.29 6.88
CA LEU A 86 -5.83 21.06 5.57
C LEU A 86 -5.14 19.69 5.51
N LEU A 87 -4.46 19.29 6.61
CA LEU A 87 -3.77 18.01 6.62
C LEU A 87 -4.74 16.85 6.56
N TYR A 88 -5.90 17.01 7.20
CA TYR A 88 -6.98 16.04 7.12
C TYR A 88 -7.42 15.86 5.67
N VAL A 89 -7.59 16.97 4.96
CA VAL A 89 -7.95 16.87 3.55
C VAL A 89 -6.87 16.20 2.75
N LEU A 90 -5.61 16.60 2.98
CA LEU A 90 -4.51 16.05 2.18
C LEU A 90 -4.34 14.57 2.41
N SER A 91 -4.40 14.14 3.66
CA SER A 91 -3.96 12.79 3.95
C SER A 91 -5.08 11.80 3.82
N LEU A 92 -6.34 12.23 3.93
CA LEU A 92 -7.41 11.26 4.07
C LEU A 92 -8.56 11.44 3.09
N SER A 93 -8.44 12.31 2.09
CA SER A 93 -9.44 12.37 1.03
C SER A 93 -9.36 11.12 0.15
N ASP A 94 -10.43 10.86 -0.62
CA ASP A 94 -10.57 9.61 -1.37
C ASP A 94 -10.51 9.79 -2.90
N ASP A 95 -10.15 10.96 -3.41
CA ASP A 95 -9.97 11.12 -4.86
C ASP A 95 -8.55 10.68 -5.21
N VAL A 96 -8.41 9.45 -5.69
CA VAL A 96 -7.09 8.84 -5.89
C VAL A 96 -6.25 9.60 -6.91
N ALA A 97 -6.88 10.39 -7.80
CA ALA A 97 -6.09 11.09 -8.81
C ALA A 97 -5.10 12.07 -8.18
N THR A 98 -5.42 12.61 -7.00
CA THR A 98 -4.55 13.57 -6.34
C THR A 98 -3.80 12.94 -5.18
N ALA A 99 -3.93 11.62 -5.02
CA ALA A 99 -3.39 11.01 -3.82
C ALA A 99 -1.89 11.21 -3.74
N GLN A 100 -1.19 11.00 -4.85
CA GLN A 100 0.27 11.07 -4.78
C GLN A 100 0.73 12.49 -4.45
N THR A 101 0.10 13.50 -5.06
CA THR A 101 0.50 14.86 -4.73
C THR A 101 0.05 15.29 -3.33
N ARG A 102 -1.13 14.83 -2.89
CA ARG A 102 -1.60 15.14 -1.54
C ARG A 102 -0.65 14.57 -0.49
N ARG A 103 -0.20 13.32 -0.69
CA ARG A 103 0.76 12.73 0.25
C ARG A 103 2.09 13.47 0.21
N TRP A 104 2.48 13.99 -0.96
CA TRP A 104 3.69 14.78 -1.03
C TRP A 104 3.55 16.02 -0.18
N LEU A 105 2.39 16.69 -0.28
CA LEU A 105 2.16 17.88 0.52
C LEU A 105 2.05 17.54 2.00
N ALA A 106 1.43 16.39 2.33
CA ALA A 106 1.32 16.06 3.76
C ALA A 106 2.70 15.93 4.36
N ARG A 107 3.65 15.44 3.55
CA ARG A 107 4.99 15.19 4.06
C ARG A 107 5.64 16.50 4.49
N ALA A 108 5.35 17.58 3.75
CA ALA A 108 5.92 18.87 4.11
C ALA A 108 5.42 19.28 5.47
N ILE A 109 4.17 18.93 5.79
CA ILE A 109 3.64 19.21 7.11
C ILE A 109 4.23 18.24 8.14
N TYR A 110 4.29 16.95 7.80
CA TYR A 110 4.83 15.96 8.75
C TYR A 110 6.21 16.35 9.23
N ARG A 111 7.06 16.83 8.32
CA ARG A 111 8.42 17.19 8.67
C ARG A 111 8.41 18.27 9.75
N VAL A 112 7.50 19.23 9.62
CA VAL A 112 7.42 20.26 10.64
C VAL A 112 6.90 19.66 11.94
N GLU A 113 5.85 18.84 11.85
CA GLU A 113 5.25 18.30 13.06
C GLU A 113 6.25 17.49 13.85
N GLU A 114 7.06 16.68 13.16
CA GLU A 114 7.94 15.79 13.90
C GLU A 114 9.08 16.55 14.54
N ARG A 115 9.34 17.79 14.09
CA ARG A 115 10.36 18.58 14.77
C ARG A 115 9.84 19.17 16.07
N PHE A 116 8.52 19.22 16.26
CA PHE A 116 7.93 19.73 17.49
C PHE A 116 7.54 18.64 18.49
N MET A 117 7.49 17.39 18.08
CA MET A 117 7.07 16.34 19.01
C MET A 117 8.21 16.07 19.97
N PRO A 118 7.93 15.87 21.25
CA PRO A 118 9.01 15.47 22.14
C PRO A 118 9.54 14.12 21.71
N ALA A 119 10.82 14.08 21.34
CA ALA A 119 11.41 12.86 20.85
C ALA A 119 12.09 12.01 21.91
N ALA A 120 11.90 10.69 21.83
CA ALA A 120 12.63 9.81 22.72
C ALA A 120 14.09 10.00 22.33
N ASP A 121 14.95 10.41 23.26
CA ASP A 121 16.38 10.42 22.96
C ASP A 121 17.15 9.37 23.73
N LEU A 122 16.78 8.11 23.61
CA LEU A 122 17.64 7.11 24.20
C LEU A 122 18.86 6.97 23.30
N SER A 123 20.02 6.82 23.94
CA SER A 123 21.28 6.59 23.24
C SER A 123 21.60 5.10 23.16
N ARG A 124 21.12 4.30 24.12
CA ARG A 124 21.32 2.87 24.05
C ARG A 124 19.97 2.17 24.16
N ALA A 125 19.81 1.14 23.35
CA ALA A 125 18.61 0.32 23.30
C ALA A 125 18.32 -0.42 24.60
N LEU A 126 17.06 -0.34 25.04
CA LEU A 126 16.61 -1.14 26.19
C LEU A 126 16.68 -2.62 25.87
N SER A 127 16.87 -3.42 26.91
CA SER A 127 16.74 -4.86 26.80
C SER A 127 15.33 -5.20 26.31
N GLU A 128 15.19 -6.38 25.71
CA GLU A 128 13.85 -6.78 25.28
C GLU A 128 12.89 -6.82 26.46
N GLU A 129 13.37 -7.29 27.62
CA GLU A 129 12.52 -7.31 28.81
C GLU A 129 12.24 -5.88 29.27
N ASP A 130 13.28 -5.04 29.34
CA ASP A 130 13.08 -3.65 29.71
C ASP A 130 12.15 -2.93 28.73
N PHE A 131 12.27 -3.25 27.44
CA PHE A 131 11.40 -2.61 26.45
C PHE A 131 9.94 -3.01 26.67
N GLN A 132 9.66 -4.32 26.83
CA GLN A 132 8.28 -4.76 27.07
C GLN A 132 7.74 -4.16 28.34
N LYS A 133 8.57 -4.11 29.37
CA LYS A 133 8.14 -3.52 30.62
C LYS A 133 7.79 -2.05 30.47
N ARG A 134 8.61 -1.29 29.70
CA ARG A 134 8.26 0.10 29.46
C ARG A 134 6.91 0.21 28.75
N LEU A 135 6.70 -0.58 27.70
CA LEU A 135 5.41 -0.52 27.02
C LEU A 135 4.27 -0.81 27.99
N GLU A 136 4.36 -1.90 28.74
CA GLU A 136 3.27 -2.23 29.66
C GLU A 136 3.04 -1.10 30.64
N GLN A 137 4.12 -0.49 31.15
CA GLN A 137 3.96 0.60 32.08
C GLN A 137 3.24 1.78 31.41
N GLU A 138 3.64 2.13 30.18
CA GLU A 138 3.01 3.27 29.50
C GLU A 138 1.55 2.98 29.21
N ILE A 139 1.22 1.72 28.95
CA ILE A 139 -0.15 1.37 28.62
C ILE A 139 -1.00 1.49 29.88
N ALA A 140 -0.49 0.93 30.99
CA ALA A 140 -1.23 1.02 32.23
C ALA A 140 -1.41 2.47 32.65
N ALA A 141 -0.47 3.35 32.26
CA ALA A 141 -0.60 4.77 32.61
C ALA A 141 -1.53 5.54 31.66
N GLN A 142 -1.64 5.13 30.39
CA GLN A 142 -2.34 5.97 29.42
C GLN A 142 -3.49 5.30 28.69
N SER A 143 -3.82 4.03 28.97
CA SER A 143 -4.83 3.34 28.17
C SER A 143 -6.16 4.09 28.16
N ARG A 144 -6.78 4.13 26.99
CA ARG A 144 -8.11 4.68 26.82
C ARG A 144 -9.14 4.00 27.72
N GLU A 145 -8.87 2.76 28.15
CA GLU A 145 -9.82 2.02 28.99
C GLU A 145 -9.96 2.65 30.36
N ARG A 146 -8.94 3.36 30.85
CA ARG A 146 -8.99 4.00 32.15
C ARG A 146 -9.70 5.35 32.11
N HIS A 147 -10.03 5.86 30.92
CA HIS A 147 -10.67 7.17 30.79
C HIS A 147 -12.00 7.18 31.55
N PRO A 148 -12.38 8.31 32.20
CA PRO A 148 -13.66 8.35 32.92
C PRO A 148 -14.86 8.00 32.06
N MET A 149 -14.86 8.43 30.80
N MET A 149 -14.83 8.38 30.78
CA MET A 149 -15.93 8.04 29.88
CA MET A 149 -15.92 8.03 29.87
C MET A 149 -16.04 6.52 29.74
C MET A 149 -16.04 6.52 29.71
N SER A 150 -14.90 5.84 29.58
CA SER A 150 -14.93 4.39 29.39
C SER A 150 -15.56 3.71 30.60
N GLN A 151 -15.08 4.06 31.80
CA GLN A 151 -15.64 3.52 33.03
C GLN A 151 -17.14 3.79 33.11
N TYR A 152 -17.56 5.01 32.78
CA TYR A 152 -18.96 5.39 32.83
C TYR A 152 -19.81 4.54 31.89
N VAL A 153 -19.34 4.32 30.67
CA VAL A 153 -20.06 3.45 29.73
C VAL A 153 -20.13 2.03 30.27
N PHE A 154 -19.01 1.55 30.81
CA PHE A 154 -18.94 0.21 31.37
C PHE A 154 -19.92 0.04 32.51
N SER A 155 -20.27 1.14 33.19
CA SER A 155 -21.15 1.11 34.35
C SER A 155 -22.59 0.75 34.00
N GLY A 156 -22.97 0.80 32.73
CA GLY A 156 -24.36 0.61 32.35
C GLY A 156 -25.23 1.85 32.47
N SER A 157 -24.65 2.98 32.84
CA SER A 157 -25.35 4.23 33.12
C SER A 157 -25.47 5.15 31.91
N ALA A 158 -24.87 4.78 30.79
CA ALA A 158 -24.97 5.56 29.56
C ALA A 158 -26.38 5.55 28.98
N SER A 159 -26.85 6.72 28.53
CA SER A 159 -28.13 6.80 27.86
C SER A 159 -28.01 6.23 26.44
N ARG A 160 -29.16 5.98 25.78
CA ARG A 160 -29.09 5.53 24.39
C ARG A 160 -28.38 6.55 23.51
N ALA A 161 -28.72 7.82 23.70
CA ALA A 161 -28.11 8.92 22.95
C ALA A 161 -26.62 9.08 23.27
N GLN A 162 -26.24 8.76 24.51
CA GLN A 162 -24.82 8.85 24.87
C GLN A 162 -24.01 7.75 24.18
N LEU A 163 -24.52 6.52 24.17
CA LEU A 163 -23.93 5.44 23.39
C LEU A 163 -23.86 5.83 21.92
N GLN A 164 -24.86 6.56 21.42
CA GLN A 164 -24.80 7.02 20.02
C GLN A 164 -23.63 7.96 19.79
N VAL A 165 -23.40 8.90 20.72
CA VAL A 165 -22.22 9.77 20.62
C VAL A 165 -20.94 8.93 20.54
N PHE A 166 -20.85 7.94 21.43
CA PHE A 166 -19.68 7.06 21.46
C PHE A 166 -19.52 6.34 20.12
N LEU A 167 -20.62 5.81 19.57
CA LEU A 167 -20.49 5.00 18.37
C LEU A 167 -20.28 5.86 17.12
N ARG A 168 -20.82 7.09 17.08
CA ARG A 168 -20.50 7.97 15.96
C ARG A 168 -19.00 8.14 15.85
N HIS A 169 -18.32 8.28 16.99
CA HIS A 169 -16.88 8.49 16.85
C HIS A 169 -16.13 7.18 16.69
N GLN A 170 -16.64 6.09 17.25
CA GLN A 170 -16.13 4.77 16.91
C GLN A 170 -16.11 4.57 15.40
N TRP A 171 -17.13 5.06 14.71
CA TRP A 171 -17.13 4.91 13.25
C TRP A 171 -15.90 5.53 12.62
N PHE A 172 -15.54 6.75 13.05
CA PHE A 172 -14.41 7.43 12.44
C PHE A 172 -13.13 6.70 12.75
N ARG A 173 -13.02 6.12 13.95
CA ARG A 173 -11.80 5.39 14.26
C ARG A 173 -11.71 4.09 13.46
N THR A 174 -12.83 3.42 13.24
CA THR A 174 -12.81 2.07 12.68
C THR A 174 -12.79 1.99 11.15
N PHE A 175 -13.56 2.84 10.47
CA PHE A 175 -14.01 2.49 9.12
C PHE A 175 -12.89 2.44 8.08
N ARG A 176 -11.77 3.17 8.28
CA ARG A 176 -10.62 3.11 7.37
C ARG A 176 -9.32 2.71 8.06
N LEU A 177 -9.40 2.07 9.24
CA LEU A 177 -8.17 1.61 9.90
C LEU A 177 -7.37 0.67 9.00
N TYR A 178 -8.07 -0.20 8.27
CA TYR A 178 -7.39 -1.15 7.39
C TYR A 178 -6.51 -0.44 6.35
N ARG A 179 -6.88 0.77 5.91
CA ARG A 179 -6.01 1.45 4.93
C ARG A 179 -4.67 1.86 5.56
N ASP A 180 -4.72 2.34 6.81
CA ASP A 180 -3.48 2.70 7.48
C ASP A 180 -2.61 1.46 7.67
N ALA A 181 -3.25 0.35 8.05
CA ALA A 181 -2.50 -0.91 8.17
C ALA A 181 -1.86 -1.29 6.84
N ALA A 182 -2.58 -1.06 5.74
CA ALA A 182 -2.03 -1.36 4.43
C ALA A 182 -0.81 -0.51 4.09
N ASP A 183 -0.79 0.76 4.54
CA ASP A 183 0.38 1.61 4.29
C ASP A 183 1.61 1.05 5.01
N LEU A 184 1.39 0.53 6.22
CA LEU A 184 2.50 -0.13 6.92
C LEU A 184 2.91 -1.40 6.19
N LEU A 185 1.94 -2.21 5.74
CA LEU A 185 2.27 -3.38 4.96
C LEU A 185 3.22 -3.01 3.81
N VAL A 186 2.89 -1.94 3.10
CA VAL A 186 3.71 -1.53 1.96
C VAL A 186 5.13 -1.20 2.40
N ASN A 187 5.29 -0.64 3.61
CA ASN A 187 6.65 -0.24 3.98
C ASN A 187 7.48 -1.33 4.66
N LEU A 188 6.90 -2.50 4.89
CA LEU A 188 7.62 -3.64 5.46
C LEU A 188 8.23 -4.47 4.33
N THR A 189 9.53 -4.28 4.07
CA THR A 189 10.15 -4.87 2.87
C THR A 189 10.38 -6.38 3.03
N ASP A 190 10.45 -6.85 4.27
CA ASP A 190 10.63 -8.28 4.58
C ASP A 190 9.35 -9.06 4.24
N VAL A 191 9.49 -10.10 3.42
CA VAL A 191 8.30 -10.80 2.93
C VAL A 191 7.50 -11.37 4.10
N ASP A 192 8.18 -11.85 5.14
CA ASP A 192 7.47 -12.44 6.28
C ASP A 192 6.72 -11.38 7.09
N GLU A 193 7.25 -10.17 7.14
CA GLU A 193 6.58 -9.11 7.89
C GLU A 193 5.39 -8.55 7.10
N ALA A 194 5.57 -8.38 5.78
CA ALA A 194 4.42 -8.10 4.93
C ALA A 194 3.35 -9.16 5.11
N ALA A 195 3.75 -10.44 5.20
CA ALA A 195 2.76 -11.51 5.38
C ALA A 195 1.98 -11.36 6.69
N ALA A 196 2.66 -10.97 7.77
CA ALA A 196 1.94 -10.80 9.04
C ALA A 196 0.90 -9.70 8.89
N LEU A 197 1.27 -8.62 8.20
CA LEU A 197 0.27 -7.58 8.04
C LEU A 197 -0.84 -8.02 7.07
N ALA A 198 -0.51 -8.86 6.09
CA ALA A 198 -1.54 -9.38 5.19
C ALA A 198 -2.54 -10.24 5.94
N ARG A 199 -2.07 -11.01 6.93
CA ARG A 199 -3.01 -11.80 7.72
C ARG A 199 -3.89 -10.87 8.53
N TYR A 200 -3.30 -9.79 9.05
CA TYR A 200 -4.12 -8.80 9.74
C TYR A 200 -5.20 -8.24 8.81
N LEU A 201 -4.82 -7.80 7.61
CA LEU A 201 -5.79 -7.21 6.69
C LEU A 201 -6.86 -8.23 6.29
N TYR A 202 -6.46 -9.48 6.08
CA TYR A 202 -7.43 -10.50 5.72
C TYR A 202 -8.48 -10.60 6.82
N GLY A 203 -8.04 -10.72 8.08
CA GLY A 203 -8.97 -10.73 9.19
C GLY A 203 -9.81 -9.47 9.26
N GLU A 204 -9.18 -8.31 9.06
CA GLU A 204 -9.86 -7.04 9.21
C GLU A 204 -10.90 -6.79 8.12
N LEU A 205 -10.75 -7.40 6.94
CA LEU A 205 -11.67 -7.18 5.83
C LEU A 205 -12.66 -8.34 5.66
N GLY A 206 -12.80 -9.18 6.68
CA GLY A 206 -13.87 -10.15 6.68
C GLY A 206 -13.49 -11.52 6.17
N GLU A 207 -12.20 -11.76 5.95
CA GLU A 207 -11.70 -13.04 5.46
C GLU A 207 -12.34 -13.33 4.12
N GLU A 208 -13.10 -14.42 3.95
CA GLU A 208 -13.71 -14.74 2.65
C GLU A 208 -15.02 -14.02 2.37
N ASP A 209 -15.61 -13.32 3.33
CA ASP A 209 -16.91 -12.68 3.16
C ASP A 209 -16.77 -11.19 3.47
N GLU A 210 -16.69 -10.35 2.43
CA GLU A 210 -16.55 -8.92 2.65
C GLU A 210 -17.77 -8.32 3.38
N LYS A 211 -18.92 -9.01 3.37
CA LYS A 211 -20.07 -8.55 4.14
C LYS A 211 -19.77 -8.54 5.63
N GLY A 212 -18.76 -9.29 6.07
CA GLY A 212 -18.37 -9.33 7.47
C GLY A 212 -17.08 -8.57 7.73
N SER A 213 -16.69 -7.67 6.84
CA SER A 213 -15.56 -6.83 7.19
C SER A 213 -15.85 -6.07 8.46
N HIS A 214 -14.79 -5.71 9.16
CA HIS A 214 -15.02 -5.13 10.47
C HIS A 214 -15.65 -3.74 10.34
N PRO A 215 -15.34 -2.94 9.31
CA PRO A 215 -16.15 -1.73 9.10
C PRO A 215 -17.63 -2.02 8.89
N ARG A 216 -17.96 -3.09 8.18
CA ARG A 216 -19.37 -3.42 7.99
C ARG A 216 -19.98 -4.02 9.24
N LEU A 217 -19.20 -4.72 10.07
CA LEU A 217 -19.73 -5.11 11.37
C LEU A 217 -20.06 -3.88 12.21
N LEU A 218 -19.19 -2.87 12.19
CA LEU A 218 -19.50 -1.69 12.97
C LEU A 218 -20.72 -0.98 12.38
N ALA A 219 -20.83 -0.96 11.05
CA ALA A 219 -22.00 -0.38 10.41
C ALA A 219 -23.28 -1.09 10.85
N LYS A 220 -23.22 -2.42 10.99
CA LYS A 220 -24.38 -3.17 11.43
C LYS A 220 -24.77 -2.78 12.85
N LEU A 221 -23.77 -2.59 13.71
CA LEU A 221 -24.06 -2.13 15.07
C LEU A 221 -24.65 -0.72 15.07
N LEU A 222 -24.03 0.21 14.33
CA LEU A 222 -24.56 1.58 14.27
C LEU A 222 -26.00 1.60 13.80
N GLU A 223 -26.33 0.82 12.77
CA GLU A 223 -27.69 0.80 12.26
C GLU A 223 -28.64 0.16 13.25
N ALA A 224 -28.15 -0.81 14.04
CA ALA A 224 -29.00 -1.43 15.06
C ALA A 224 -29.39 -0.45 16.14
N ILE A 225 -28.63 0.62 16.34
CA ILE A 225 -28.91 1.59 17.38
C ILE A 225 -29.26 2.95 16.76
N GLY A 226 -29.70 2.93 15.50
CA GLY A 226 -30.29 4.10 14.87
C GLY A 226 -29.33 5.07 14.20
N LEU A 227 -28.09 4.68 13.96
CA LEU A 227 -27.12 5.57 13.34
C LEU A 227 -26.79 5.14 11.91
N GLU A 228 -26.37 6.11 11.09
CA GLU A 228 -25.91 5.82 9.73
C GLU A 228 -24.40 5.63 9.73
N ALA A 229 -23.94 4.62 8.99
CA ALA A 229 -22.53 4.33 8.81
C ALA A 229 -22.13 4.75 7.40
N ASP A 230 -21.54 5.93 7.28
CA ASP A 230 -21.24 6.57 6.00
C ASP A 230 -19.77 6.34 5.65
N PHE A 231 -19.51 5.61 4.56
CA PHE A 231 -18.13 5.37 4.13
C PHE A 231 -17.46 6.59 3.49
N GLN A 232 -18.20 7.68 3.30
CA GLN A 232 -17.64 8.99 2.97
C GLN A 232 -17.77 10.00 4.13
N ALA A 233 -17.87 9.50 5.36
CA ALA A 233 -18.00 10.36 6.53
C ALA A 233 -16.79 11.31 6.61
N VAL A 234 -17.04 12.55 6.97
CA VAL A 234 -15.98 13.55 7.13
C VAL A 234 -16.11 14.14 8.52
N SER A 235 -15.03 14.08 9.28
CA SER A 235 -15.14 14.52 10.66
C SER A 235 -15.10 16.03 10.75
N THR A 236 -15.88 16.58 11.68
CA THR A 236 -15.88 17.99 12.01
C THR A 236 -15.37 18.27 13.42
N MET A 237 -14.87 17.24 14.14
CA MET A 237 -14.41 17.38 15.51
C MET A 237 -12.89 17.57 15.48
N PRO A 238 -12.37 18.73 15.88
CA PRO A 238 -10.91 18.97 15.78
C PRO A 238 -10.04 17.88 16.38
N GLU A 239 -10.36 17.39 17.57
CA GLU A 239 -9.55 16.36 18.22
C GLU A 239 -9.63 15.03 17.47
N GLU A 240 -10.75 14.77 16.81
CA GLU A 240 -10.86 13.55 16.03
C GLU A 240 -10.00 13.66 14.77
N ILE A 241 -10.05 14.83 14.12
CA ILE A 241 -9.16 15.10 12.99
C ILE A 241 -7.70 14.95 13.41
N ALA A 242 -7.34 15.50 14.58
CA ALA A 242 -5.97 15.40 15.05
C ALA A 242 -5.58 13.95 15.28
N TYR A 243 -6.51 13.15 15.79
CA TYR A 243 -6.24 11.74 15.99
C TYR A 243 -6.03 11.01 14.66
N LEU A 244 -6.95 11.19 13.71
CA LEU A 244 -6.83 10.49 12.44
C LEU A 244 -5.59 10.96 11.65
N ASN A 245 -5.28 12.27 11.72
CA ASN A 245 -4.10 12.77 11.03
C ASN A 245 -2.87 12.10 11.58
N ASN A 246 -2.80 12.01 12.92
CA ASN A 246 -1.62 11.40 13.51
C ASN A 246 -1.51 9.93 13.17
N ARG A 247 -2.63 9.21 13.22
CA ARG A 247 -2.55 7.77 12.96
C ARG A 247 -2.10 7.50 11.52
N ALA A 248 -2.64 8.26 10.57
CA ALA A 248 -2.20 8.06 9.18
C ALA A 248 -0.74 8.42 9.00
N ARG A 249 -0.30 9.52 9.61
CA ARG A 249 1.12 9.88 9.53
C ARG A 249 1.99 8.74 10.09
N ALA A 250 1.62 8.23 11.27
CA ALA A 250 2.43 7.20 11.89
C ALA A 250 2.46 5.93 11.03
N PHE A 251 1.32 5.50 10.52
CA PHE A 251 1.31 4.28 9.71
C PHE A 251 2.01 4.46 8.37
N ARG A 252 2.12 5.70 7.88
CA ARG A 252 2.76 5.92 6.59
C ARG A 252 4.23 6.24 6.71
N HIS A 253 4.74 6.36 7.94
CA HIS A 253 6.10 6.85 8.13
C HIS A 253 7.12 5.89 7.53
N ALA A 254 8.18 6.45 6.93
CA ALA A 254 9.24 5.63 6.37
C ALA A 254 10.03 4.85 7.42
N GLU A 255 10.10 5.31 8.67
CA GLU A 255 10.70 4.49 9.75
C GLU A 255 9.56 3.75 10.46
N VAL A 256 9.47 2.43 10.23
CA VAL A 256 8.29 1.68 10.63
C VAL A 256 8.10 1.59 12.15
N GLY A 257 9.06 2.05 12.95
CA GLY A 257 8.81 2.15 14.36
C GLY A 257 7.59 2.99 14.71
N TRP A 258 7.31 4.04 13.90
CA TRP A 258 6.13 4.86 14.18
C TRP A 258 4.84 4.07 14.03
N GLY A 259 4.74 3.35 12.91
CA GLY A 259 3.52 2.60 12.62
C GLY A 259 3.39 1.38 13.50
N LEU A 260 4.52 0.70 13.75
CA LEU A 260 4.45 -0.46 14.62
C LEU A 260 4.04 -0.06 16.03
N ALA A 261 4.41 1.15 16.47
CA ALA A 261 3.95 1.59 17.78
C ALA A 261 2.42 1.70 17.79
N VAL A 262 1.87 2.40 16.80
CA VAL A 262 0.40 2.59 16.85
C VAL A 262 -0.33 1.25 16.61
N PHE A 263 0.14 0.45 15.67
CA PHE A 263 -0.44 -0.85 15.38
C PHE A 263 -0.44 -1.71 16.63
N TYR A 264 0.69 -1.80 17.30
CA TYR A 264 0.81 -2.70 18.43
C TYR A 264 0.05 -2.18 19.64
N ILE A 265 0.06 -0.87 19.89
CA ILE A 265 -0.71 -0.36 21.02
C ILE A 265 -2.19 -0.64 20.81
N THR A 266 -2.66 -0.53 19.57
CA THR A 266 -4.06 -0.81 19.29
C THR A 266 -4.38 -2.29 19.47
N GLU A 267 -3.56 -3.15 18.85
N GLU A 267 -3.57 -3.15 18.87
CA GLU A 267 -3.75 -4.58 18.98
CA GLU A 267 -3.83 -4.58 18.98
C GLU A 267 -3.70 -5.05 20.43
C GLU A 267 -3.68 -5.08 20.41
N LEU A 268 -2.94 -4.38 21.27
CA LEU A 268 -2.85 -4.77 22.67
C LEU A 268 -4.05 -4.32 23.47
N VAL A 269 -4.59 -3.13 23.18
CA VAL A 269 -5.64 -2.58 24.02
C VAL A 269 -7.01 -3.07 23.60
N VAL A 270 -7.16 -3.46 22.33
CA VAL A 270 -8.49 -3.76 21.79
C VAL A 270 -9.21 -4.88 22.54
N PRO A 271 -8.60 -6.02 22.87
CA PRO A 271 -9.39 -7.14 23.47
C PRO A 271 -10.17 -6.84 24.76
N GLY A 272 -9.55 -6.24 25.78
CA GLY A 272 -10.26 -6.00 27.03
C GLY A 272 -11.26 -4.86 26.96
N ASN A 273 -10.86 -3.83 26.21
CA ASN A 273 -11.75 -2.71 25.97
C ASN A 273 -12.99 -3.18 25.24
N HIS A 274 -12.79 -3.96 24.18
CA HIS A 274 -13.93 -4.45 23.41
C HIS A 274 -14.78 -5.42 24.20
N GLU A 275 -14.20 -6.28 25.08
CA GLU A 275 -15.06 -7.18 25.85
C GLU A 275 -16.00 -6.39 26.76
N LYS A 276 -15.48 -5.36 27.41
CA LYS A 276 -16.34 -4.56 28.30
C LYS A 276 -17.31 -3.68 27.53
N LEU A 277 -16.90 -3.15 26.38
CA LEU A 277 -17.86 -2.38 25.58
C LEU A 277 -18.97 -3.31 25.10
N TYR A 278 -18.60 -4.53 24.69
CA TYR A 278 -19.58 -5.53 24.31
C TYR A 278 -20.58 -5.80 25.42
N ARG A 279 -20.08 -6.10 26.64
CA ARG A 279 -21.00 -6.36 27.77
C ARG A 279 -21.89 -5.17 28.02
N ALA A 280 -21.33 -3.94 27.89
CA ALA A 280 -22.13 -2.74 28.15
C ALA A 280 -23.23 -2.56 27.10
N LEU A 281 -22.96 -2.89 25.83
CA LEU A 281 -24.01 -2.80 24.83
C LEU A 281 -25.05 -3.88 25.03
N LEU A 282 -24.62 -5.08 25.43
CA LEU A 282 -25.61 -6.11 25.73
C LEU A 282 -26.48 -5.67 26.90
N GLN A 283 -25.86 -5.04 27.90
CA GLN A 283 -26.62 -4.49 29.02
C GLN A 283 -27.63 -3.44 28.55
N ALA A 284 -27.28 -2.67 27.52
CA ALA A 284 -28.16 -1.63 27.00
C ALA A 284 -29.27 -2.11 26.05
N GLY A 285 -29.39 -3.40 25.75
CA GLY A 285 -30.49 -3.84 24.90
C GLY A 285 -30.13 -4.02 23.44
N LEU A 286 -28.91 -4.49 23.20
CA LEU A 286 -28.38 -4.87 21.90
C LEU A 286 -28.22 -6.38 21.78
N SER A 287 -28.36 -6.89 20.55
CA SER A 287 -28.28 -8.33 20.34
C SER A 287 -26.83 -8.80 20.23
N GLU A 288 -26.63 -10.11 20.42
CA GLU A 288 -25.32 -10.71 20.23
C GLU A 288 -24.79 -10.41 18.84
N ASP A 289 -25.66 -10.55 17.84
CA ASP A 289 -25.31 -10.32 16.45
C ASP A 289 -25.12 -8.82 16.17
N GLN A 290 -25.96 -7.99 16.81
CA GLN A 290 -25.86 -6.56 16.57
C GLN A 290 -24.56 -6.01 17.08
N ALA A 291 -24.03 -6.56 18.18
CA ALA A 291 -22.82 -6.05 18.78
C ALA A 291 -21.60 -6.88 18.39
N GLU A 292 -21.73 -7.72 17.35
CA GLU A 292 -20.64 -8.58 16.90
C GLU A 292 -19.34 -7.82 16.67
N TYR A 293 -19.42 -6.57 16.21
CA TYR A 293 -18.20 -5.81 15.99
C TYR A 293 -17.27 -5.86 17.19
N TYR A 294 -17.82 -5.68 18.39
CA TYR A 294 -16.97 -5.72 19.57
C TYR A 294 -16.65 -7.14 20.00
N LYS A 295 -17.55 -8.09 19.70
CA LYS A 295 -17.33 -9.45 20.16
C LYS A 295 -16.14 -10.05 19.42
N VAL A 296 -16.04 -9.81 18.12
CA VAL A 296 -15.08 -10.57 17.32
C VAL A 296 -13.65 -10.22 17.69
N HIS A 297 -13.41 -9.04 18.26
CA HIS A 297 -12.02 -8.72 18.59
C HIS A 297 -11.56 -9.43 19.85
N ILE A 298 -12.50 -9.82 20.72
CA ILE A 298 -12.15 -10.44 21.98
C ILE A 298 -11.35 -11.69 21.74
N SER A 299 -11.82 -12.49 20.79
CA SER A 299 -11.18 -13.73 20.44
C SER A 299 -10.23 -13.60 19.23
N LEU A 300 -10.47 -12.69 18.24
CA LEU A 300 -9.59 -12.66 17.05
C LEU A 300 -8.22 -12.08 17.37
N VAL A 301 -8.14 -11.09 18.27
CA VAL A 301 -6.90 -10.33 18.41
C VAL A 301 -5.82 -10.98 19.28
N PRO A 302 -6.12 -11.53 20.47
CA PRO A 302 -5.02 -12.08 21.33
C PRO A 302 -4.13 -13.07 20.59
N PRO A 303 -4.68 -13.98 19.76
CA PRO A 303 -3.78 -14.87 19.00
C PRO A 303 -2.90 -14.12 18.02
N ARG A 304 -3.46 -13.15 17.31
CA ARG A 304 -2.71 -12.41 16.30
C ARG A 304 -1.66 -11.47 16.90
N ALA A 305 -1.91 -10.96 18.11
CA ALA A 305 -0.95 -10.10 18.80
C ALA A 305 0.37 -10.80 19.11
N LYS A 306 0.31 -12.09 19.46
CA LYS A 306 1.54 -12.82 19.76
C LYS A 306 2.42 -13.00 18.53
N ARG A 307 1.82 -13.27 17.37
CA ARG A 307 2.64 -13.36 16.16
C ARG A 307 3.11 -12.01 15.69
N GLU A 308 2.29 -10.97 15.84
CA GLU A 308 2.72 -9.65 15.42
C GLU A 308 3.85 -9.10 16.27
N TRP A 309 4.01 -9.58 17.51
CA TRP A 309 5.08 -9.08 18.37
C TRP A 309 6.48 -9.29 17.77
N GLN A 310 6.68 -10.32 16.94
CA GLN A 310 8.00 -10.56 16.39
C GLN A 310 8.49 -9.42 15.51
N LEU A 311 7.57 -8.66 14.90
CA LEU A 311 7.96 -7.47 14.16
C LEU A 311 8.66 -6.44 15.05
N ILE A 312 8.24 -6.34 16.29
CA ILE A 312 8.89 -5.42 17.21
C ILE A 312 10.12 -6.06 17.82
N ALA A 313 10.00 -7.32 18.24
CA ALA A 313 11.11 -7.99 18.89
C ALA A 313 12.36 -7.99 18.00
N ARG A 314 12.19 -8.18 16.69
CA ARG A 314 13.35 -8.24 15.81
C ARG A 314 14.08 -6.90 15.74
N ARG A 315 13.38 -5.79 15.93
CA ARG A 315 13.97 -4.45 15.81
C ARG A 315 14.46 -3.85 17.13
N ILE A 316 14.14 -4.45 18.27
CA ILE A 316 14.52 -3.91 19.59
C ILE A 316 16.00 -3.58 19.71
N PRO A 317 16.95 -4.40 19.23
CA PRO A 317 18.37 -4.02 19.34
C PRO A 317 18.71 -2.66 18.71
N ASP A 318 17.87 -2.14 17.81
CA ASP A 318 18.12 -0.89 17.09
C ASP A 318 17.57 0.29 17.88
N VAL A 319 18.46 1.17 18.33
CA VAL A 319 18.01 2.30 19.14
C VAL A 319 17.22 3.32 18.32
N GLN A 320 17.44 3.39 17.01
CA GLN A 320 16.63 4.29 16.20
C GLN A 320 15.19 3.82 16.13
N PHE A 321 15.00 2.51 16.01
CA PHE A 321 13.66 1.97 16.10
C PHE A 321 13.02 2.27 17.45
N GLN A 322 13.75 2.05 18.54
CA GLN A 322 13.18 2.29 19.86
C GLN A 322 12.76 3.74 20.02
N ASN A 323 13.58 4.67 19.55
CA ASN A 323 13.23 6.07 19.69
C ASN A 323 12.02 6.43 18.84
N ALA A 324 11.96 5.90 17.61
CA ALA A 324 10.81 6.18 16.78
C ALA A 324 9.56 5.60 17.40
N PHE A 325 9.66 4.36 17.86
CA PHE A 325 8.54 3.66 18.46
C PHE A 325 8.01 4.39 19.68
N LEU A 326 8.90 4.82 20.56
CA LEU A 326 8.47 5.45 21.80
C LEU A 326 7.95 6.86 21.55
N THR A 327 8.54 7.60 20.62
CA THR A 327 8.01 8.92 20.26
C THR A 327 6.62 8.80 19.67
N SER A 328 6.46 7.86 18.74
CA SER A 328 5.14 7.57 18.20
C SER A 328 4.15 7.29 19.31
N LEU A 329 4.53 6.41 20.24
CA LEU A 329 3.60 5.98 21.29
C LEU A 329 3.18 7.18 22.14
N SER A 330 4.14 8.00 22.53
CA SER A 330 3.79 9.15 23.36
C SER A 330 2.90 10.13 22.59
N GLN A 331 3.18 10.34 21.29
CA GLN A 331 2.36 11.26 20.50
C GLN A 331 0.95 10.69 20.29
N HIS A 332 0.88 9.39 20.04
CA HIS A 332 -0.41 8.73 19.88
C HIS A 332 -1.24 8.90 21.14
N PHE A 333 -0.64 8.66 22.31
CA PHE A 333 -1.40 8.80 23.55
C PHE A 333 -1.85 10.24 23.77
N ARG A 334 -1.00 11.20 23.42
CA ARG A 334 -1.40 12.60 23.56
C ARG A 334 -2.64 12.93 22.71
N VAL A 335 -2.63 12.53 21.42
CA VAL A 335 -3.79 12.88 20.60
C VAL A 335 -5.00 12.05 20.97
N GLU A 336 -4.79 10.81 21.41
CA GLU A 336 -5.91 9.98 21.80
C GLU A 336 -6.59 10.51 23.06
N ARG A 337 -5.80 10.95 24.05
CA ARG A 337 -6.42 11.48 25.25
C ARG A 337 -7.23 12.74 24.96
N ALA A 338 -6.68 13.65 24.16
CA ALA A 338 -7.48 14.84 23.87
C ALA A 338 -8.75 14.48 23.10
N TYR A 339 -8.67 13.44 22.27
CA TYR A 339 -9.84 13.01 21.53
C TYR A 339 -10.89 12.40 22.46
N TYR A 340 -10.50 11.47 23.32
CA TYR A 340 -11.46 10.92 24.29
C TYR A 340 -12.06 11.99 25.18
N ASP A 341 -11.25 12.96 25.59
CA ASP A 341 -11.79 14.06 26.39
C ASP A 341 -12.90 14.80 25.63
N ALA A 342 -12.70 14.98 24.32
CA ALA A 342 -13.70 15.73 23.56
C ALA A 342 -14.96 14.90 23.36
N ILE A 343 -14.81 13.59 23.11
CA ILE A 343 -15.98 12.72 23.07
C ILE A 343 -16.72 12.75 24.39
N TRP A 344 -15.98 12.66 25.49
CA TRP A 344 -16.58 12.68 26.82
C TRP A 344 -17.39 13.94 27.05
N GLU A 345 -16.85 15.08 26.61
CA GLU A 345 -17.57 16.34 26.73
C GLU A 345 -18.86 16.32 25.92
N GLU A 346 -18.80 15.78 24.70
CA GLU A 346 -20.02 15.65 23.91
C GLU A 346 -21.02 14.70 24.56
N MET A 347 -20.52 13.61 25.16
CA MET A 347 -21.42 12.66 25.78
C MET A 347 -22.15 13.29 26.97
N GLN A 348 -21.46 14.16 27.72
CA GLN A 348 -22.06 14.80 28.87
C GLN A 348 -23.17 15.79 28.49
N SER A 349 -23.17 16.29 27.27
CA SER A 349 -24.07 17.33 26.80
C SER A 349 -25.39 16.76 26.33
N VAL A 350 -25.53 15.44 26.25
CA VAL A 350 -26.77 14.86 25.77
C VAL A 350 -27.54 14.27 26.95
N ASN B 25 23.93 -6.22 2.60
CA ASN B 25 22.58 -6.03 3.13
C ASN B 25 21.92 -4.82 2.48
N THR B 26 22.68 -4.10 1.67
CA THR B 26 22.19 -2.91 0.99
C THR B 26 22.39 -2.95 -0.53
N ARG B 27 22.68 -4.11 -1.14
CA ARG B 27 22.97 -4.11 -2.57
C ARG B 27 21.77 -3.66 -3.40
N ASN B 28 20.56 -3.77 -2.87
CA ASN B 28 19.39 -3.31 -3.61
C ASN B 28 18.83 -2.02 -3.03
N PHE B 29 19.63 -1.25 -2.29
CA PHE B 29 19.21 0.09 -1.92
C PHE B 29 19.55 1.06 -3.05
N SER B 30 18.94 2.24 -3.00
CA SER B 30 19.01 3.18 -4.14
C SER B 30 20.41 3.78 -4.27
N LEU B 31 20.97 4.27 -3.16
CA LEU B 31 22.24 4.98 -3.21
C LEU B 31 23.40 4.09 -3.66
N PRO B 32 23.59 2.89 -3.11
CA PRO B 32 24.65 2.02 -3.65
C PRO B 32 24.50 1.72 -5.13
N GLN B 33 23.26 1.49 -5.60
CA GLN B 33 23.04 1.26 -7.04
C GLN B 33 23.35 2.48 -7.88
N LEU B 34 22.95 3.67 -7.43
CA LEU B 34 23.21 4.87 -8.21
C LEU B 34 24.69 5.19 -8.33
N GLN B 35 25.48 4.90 -7.29
CA GLN B 35 26.91 5.19 -7.43
C GLN B 35 27.65 4.26 -8.40
N ASN B 36 27.04 3.13 -8.77
CA ASN B 36 27.54 2.13 -9.73
C ASN B 36 27.01 2.27 -11.16
N LEU B 37 26.36 3.37 -11.50
CA LEU B 37 25.74 3.59 -12.82
C LEU B 37 26.57 4.56 -13.63
N PRO B 38 27.18 4.13 -14.72
CA PRO B 38 27.96 5.10 -15.47
C PRO B 38 27.05 6.04 -16.26
N ILE B 39 26.09 6.64 -15.55
CA ILE B 39 25.14 7.60 -16.12
C ILE B 39 25.34 8.87 -15.33
N GLU B 40 25.48 9.99 -16.03
CA GLU B 40 25.64 11.29 -15.37
C GLU B 40 24.51 11.62 -14.41
N GLU B 41 23.28 11.46 -14.88
CA GLU B 41 22.08 11.80 -14.13
C GLU B 41 21.92 10.97 -12.85
N ALA B 42 22.71 9.91 -12.67
CA ALA B 42 22.62 9.15 -11.43
C ALA B 42 23.06 9.97 -10.24
N ARG B 43 24.03 10.87 -10.43
CA ARG B 43 24.46 11.75 -9.36
C ARG B 43 23.38 12.77 -9.03
N ILE B 44 22.68 13.28 -10.04
CA ILE B 44 21.63 14.25 -9.79
C ILE B 44 20.47 13.58 -9.03
N VAL B 45 20.18 12.33 -9.40
CA VAL B 45 19.16 11.58 -8.66
C VAL B 45 19.59 11.36 -7.22
N ALA B 46 20.83 10.89 -7.00
CA ALA B 46 21.33 10.67 -5.65
C ALA B 46 21.17 11.91 -4.78
N ASP B 47 21.60 13.07 -5.31
CA ASP B 47 21.44 14.33 -4.59
C ASP B 47 19.97 14.58 -4.25
N ALA B 48 19.07 14.22 -5.17
CA ALA B 48 17.65 14.45 -4.94
C ALA B 48 17.13 13.55 -3.82
N LEU B 49 17.81 12.41 -3.58
CA LEU B 49 17.36 11.48 -2.57
C LEU B 49 17.95 11.74 -1.19
N ALA B 50 18.80 12.76 -1.03
CA ALA B 50 19.37 13.08 0.27
C ALA B 50 18.30 13.52 1.26
N VAL B 51 18.56 13.25 2.55
CA VAL B 51 17.58 13.52 3.60
C VAL B 51 17.15 14.99 3.59
N HIS B 52 18.09 15.89 3.30
CA HIS B 52 17.80 17.32 3.33
C HIS B 52 17.84 17.91 1.92
N ALA B 53 17.41 17.11 0.94
CA ALA B 53 17.39 17.54 -0.45
C ALA B 53 16.39 18.67 -0.62
N THR B 54 16.81 19.69 -1.38
CA THR B 54 15.97 20.85 -1.62
C THR B 54 14.91 20.53 -2.67
N SER B 55 13.88 21.36 -2.68
CA SER B 55 12.89 21.31 -3.75
C SER B 55 13.54 21.47 -5.12
N ARG B 56 14.52 22.39 -5.24
CA ARG B 56 15.15 22.58 -6.54
C ARG B 56 16.00 21.38 -6.94
N GLN B 57 16.68 20.73 -6.00
CA GLN B 57 17.43 19.52 -6.35
C GLN B 57 16.51 18.39 -6.82
N ILE B 58 15.36 18.21 -6.16
CA ILE B 58 14.45 17.14 -6.54
C ILE B 58 13.80 17.42 -7.90
N ASP B 59 13.35 18.65 -8.09
CA ASP B 59 12.75 19.00 -9.37
C ASP B 59 13.79 18.95 -10.50
N SER B 60 15.06 19.32 -10.21
CA SER B 60 16.13 19.18 -11.20
C SER B 60 16.29 17.73 -11.63
N ALA B 61 16.32 16.82 -10.64
CA ALA B 61 16.43 15.41 -10.96
C ALA B 61 15.24 15.01 -11.82
N ALA B 62 14.03 15.46 -11.46
CA ALA B 62 12.85 15.16 -12.27
C ALA B 62 13.05 15.61 -13.71
N SER B 63 13.58 16.81 -13.91
CA SER B 63 13.80 17.34 -15.26
C SER B 63 14.82 16.52 -16.05
N LYS B 64 15.93 16.13 -15.42
CA LYS B 64 16.91 15.34 -16.16
C LYS B 64 16.35 13.97 -16.49
N LEU B 65 15.57 13.37 -15.56
CA LEU B 65 14.99 12.06 -15.82
C LEU B 65 13.96 12.10 -16.95
N ALA B 66 13.13 13.13 -16.97
CA ALA B 66 12.14 13.25 -18.03
C ALA B 66 12.78 13.46 -19.38
N ALA B 67 13.83 14.29 -19.45
CA ALA B 67 14.53 14.48 -20.72
C ALA B 67 15.21 13.20 -21.18
N LEU B 68 15.79 12.46 -20.24
CA LEU B 68 16.46 11.23 -20.61
C LEU B 68 15.44 10.24 -21.16
N ALA B 69 14.27 10.12 -20.50
CA ALA B 69 13.22 9.23 -21.00
C ALA B 69 12.75 9.67 -22.40
N GLU B 70 12.58 10.98 -22.61
CA GLU B 70 12.11 11.46 -23.91
C GLU B 70 13.13 11.12 -25.01
N ALA B 71 14.42 11.33 -24.73
CA ALA B 71 15.46 10.98 -25.69
C ALA B 71 15.48 9.49 -25.97
N GLY B 72 15.33 8.67 -24.93
CA GLY B 72 15.35 7.24 -25.13
C GLY B 72 14.17 6.75 -25.94
N LEU B 73 12.98 7.27 -25.65
CA LEU B 73 11.78 6.83 -26.35
C LEU B 73 11.79 7.37 -27.77
N LYS B 74 12.58 8.40 -28.03
CA LYS B 74 12.68 8.88 -29.41
C LYS B 74 13.69 8.06 -30.23
N GLY B 75 14.46 7.16 -29.62
CA GLY B 75 15.24 6.26 -30.46
C GLY B 75 16.71 6.17 -30.05
N ASP B 76 17.12 7.04 -29.13
CA ASP B 76 18.49 7.06 -28.62
C ASP B 76 18.68 5.85 -27.72
N ARG B 77 19.40 4.84 -28.23
CA ARG B 77 19.53 3.60 -27.45
C ARG B 77 20.30 3.79 -26.15
N GLN B 78 21.25 4.72 -26.11
CA GLN B 78 21.99 4.96 -24.88
C GLN B 78 21.11 5.65 -23.85
N ALA B 79 20.34 6.62 -24.31
CA ALA B 79 19.40 7.29 -23.43
C ALA B 79 18.31 6.32 -22.97
N TYR B 80 17.90 5.41 -23.85
CA TYR B 80 16.90 4.42 -23.47
C TYR B 80 17.40 3.53 -22.33
N ALA B 81 18.62 2.97 -22.48
CA ALA B 81 19.19 2.14 -21.43
C ALA B 81 19.35 2.94 -20.14
N ALA B 82 19.78 4.20 -20.26
CA ALA B 82 20.00 5.00 -19.05
C ALA B 82 18.71 5.23 -18.30
N TYR B 83 17.67 5.69 -19.01
CA TYR B 83 16.41 6.04 -18.31
C TYR B 83 15.81 4.78 -17.68
N GLN B 84 15.97 3.60 -18.36
N GLN B 84 16.01 3.63 -18.34
CA GLN B 84 15.39 2.33 -17.85
CA GLN B 84 15.37 2.39 -17.83
C GLN B 84 16.13 1.92 -16.57
C GLN B 84 16.12 1.90 -16.58
N GLN B 85 17.47 1.98 -16.59
N GLN B 85 17.46 1.95 -16.61
CA GLN B 85 18.25 1.57 -15.43
CA GLN B 85 18.20 1.54 -15.41
C GLN B 85 17.99 2.49 -14.24
C GLN B 85 17.91 2.49 -14.23
N LEU B 86 17.89 3.81 -14.48
CA LEU B 86 17.54 4.72 -13.40
C LEU B 86 16.13 4.45 -12.89
N LEU B 87 15.18 4.19 -13.80
CA LEU B 87 13.80 3.93 -13.37
C LEU B 87 13.72 2.66 -12.55
N TYR B 88 14.52 1.65 -12.90
CA TYR B 88 14.58 0.43 -12.10
C TYR B 88 15.05 0.75 -10.68
N VAL B 89 16.11 1.56 -10.57
CA VAL B 89 16.58 1.95 -9.24
C VAL B 89 15.49 2.75 -8.49
N LEU B 90 14.84 3.70 -9.18
CA LEU B 90 13.85 4.53 -8.50
C LEU B 90 12.66 3.72 -8.03
N SER B 91 12.12 2.88 -8.91
CA SER B 91 10.84 2.28 -8.57
C SER B 91 10.97 1.01 -7.74
N LEU B 92 12.13 0.33 -7.73
CA LEU B 92 12.16 -1.01 -7.13
C LEU B 92 13.28 -1.22 -6.11
N SER B 93 14.01 -0.18 -5.73
CA SER B 93 14.95 -0.26 -4.61
C SER B 93 14.20 -0.48 -3.29
N ASP B 94 14.92 -0.96 -2.26
CA ASP B 94 14.27 -1.36 -1.01
C ASP B 94 14.59 -0.47 0.23
N ASP B 95 15.27 0.68 0.06
CA ASP B 95 15.46 1.59 1.23
C ASP B 95 14.23 2.49 1.36
N VAL B 96 13.33 2.16 2.29
CA VAL B 96 12.05 2.84 2.37
C VAL B 96 12.25 4.33 2.66
N ALA B 97 13.40 4.70 3.27
CA ALA B 97 13.62 6.10 3.60
C ALA B 97 13.54 7.01 2.36
N THR B 98 13.91 6.50 1.18
CA THR B 98 13.87 7.34 -0.03
C THR B 98 12.68 7.03 -0.94
N ALA B 99 11.79 6.14 -0.50
CA ALA B 99 10.78 5.61 -1.41
C ALA B 99 9.84 6.69 -1.90
N GLN B 100 9.40 7.56 -1.00
CA GLN B 100 8.41 8.55 -1.43
C GLN B 100 9.02 9.46 -2.51
N THR B 101 10.27 9.90 -2.30
CA THR B 101 10.87 10.76 -3.31
C THR B 101 11.19 9.98 -4.57
N ARG B 102 11.61 8.71 -4.40
CA ARG B 102 11.86 7.91 -5.58
C ARG B 102 10.60 7.77 -6.42
N ARG B 103 9.46 7.55 -5.76
CA ARG B 103 8.24 7.39 -6.53
C ARG B 103 7.79 8.71 -7.13
N TRP B 104 8.12 9.81 -6.46
CA TRP B 104 7.85 11.11 -7.04
C TRP B 104 8.66 11.28 -8.32
N LEU B 105 9.95 10.94 -8.24
CA LEU B 105 10.76 11.01 -9.46
C LEU B 105 10.30 10.01 -10.50
N ALA B 106 9.91 8.79 -10.08
CA ALA B 106 9.42 7.85 -11.09
C ALA B 106 8.26 8.44 -11.85
N ARG B 107 7.44 9.26 -11.20
N ARG B 107 7.44 9.25 -11.18
CA ARG B 107 6.26 9.78 -11.87
CA ARG B 107 6.26 9.82 -11.82
C ARG B 107 6.65 10.63 -13.08
C ARG B 107 6.65 10.62 -13.05
N ALA B 108 7.72 11.42 -12.94
CA ALA B 108 8.19 12.23 -14.06
C ALA B 108 8.54 11.36 -15.27
N ILE B 109 9.09 10.17 -15.05
CA ILE B 109 9.35 9.27 -16.18
C ILE B 109 8.06 8.69 -16.71
N TYR B 110 7.16 8.24 -15.80
CA TYR B 110 5.93 7.60 -16.23
C TYR B 110 5.13 8.50 -17.16
N ARG B 111 5.09 9.79 -16.83
CA ARG B 111 4.32 10.74 -17.62
C ARG B 111 4.84 10.79 -19.06
N VAL B 112 6.16 10.71 -19.23
CA VAL B 112 6.72 10.66 -20.57
C VAL B 112 6.38 9.33 -21.23
N GLU B 113 6.64 8.22 -20.51
CA GLU B 113 6.40 6.90 -21.10
C GLU B 113 4.99 6.80 -21.63
N GLU B 114 4.01 7.23 -20.82
CA GLU B 114 2.61 7.07 -21.16
C GLU B 114 2.23 7.95 -22.34
N ARG B 115 2.87 9.11 -22.50
N ARG B 115 2.89 9.11 -22.46
CA ARG B 115 2.48 9.90 -23.67
CA ARG B 115 2.78 10.04 -23.56
C ARG B 115 3.20 9.42 -24.93
C ARG B 115 3.58 9.57 -24.77
N PHE B 116 3.85 8.26 -24.85
CA PHE B 116 4.58 7.71 -25.97
C PHE B 116 4.09 6.32 -26.34
N MET B 117 3.21 5.80 -25.57
CA MET B 117 2.58 4.49 -25.68
C MET B 117 1.37 4.59 -26.59
N PRO B 118 1.21 3.69 -27.56
CA PRO B 118 -0.01 3.79 -28.38
C PRO B 118 -1.23 3.64 -27.50
N ALA B 119 -2.07 4.67 -27.53
CA ALA B 119 -3.28 4.76 -26.74
C ALA B 119 -4.42 4.04 -27.42
N ALA B 120 -5.30 3.43 -26.60
CA ALA B 120 -6.44 2.75 -27.19
C ALA B 120 -7.29 3.78 -27.94
N ASP B 121 -7.47 4.95 -27.34
CA ASP B 121 -7.98 6.15 -28.01
C ASP B 121 -9.41 5.93 -28.51
N LEU B 122 -10.17 5.17 -27.75
CA LEU B 122 -11.61 5.14 -27.95
C LEU B 122 -12.20 6.52 -27.65
N SER B 123 -13.08 7.00 -28.53
CA SER B 123 -13.82 8.25 -28.31
C SER B 123 -15.04 7.99 -27.45
N ARG B 124 -15.59 6.77 -27.52
CA ARG B 124 -16.71 6.39 -26.69
C ARG B 124 -16.57 4.94 -26.24
N ALA B 125 -17.31 4.61 -25.19
CA ALA B 125 -17.23 3.30 -24.56
C ALA B 125 -17.69 2.18 -25.47
N LEU B 126 -16.87 1.13 -25.51
CA LEU B 126 -17.25 -0.12 -26.14
C LEU B 126 -18.35 -0.78 -25.33
N SER B 127 -19.15 -1.60 -26.00
CA SER B 127 -20.08 -2.44 -25.28
C SER B 127 -19.35 -3.41 -24.39
N GLU B 128 -20.05 -3.85 -23.34
CA GLU B 128 -19.42 -4.86 -22.48
C GLU B 128 -19.04 -6.07 -23.32
N GLU B 129 -19.94 -6.46 -24.24
CA GLU B 129 -19.70 -7.60 -25.12
C GLU B 129 -18.48 -7.35 -26.00
N ASP B 130 -18.40 -6.18 -26.61
CA ASP B 130 -17.26 -5.92 -27.49
C ASP B 130 -15.99 -5.75 -26.65
N PHE B 131 -16.13 -5.26 -25.41
CA PHE B 131 -14.98 -5.19 -24.53
C PHE B 131 -14.43 -6.58 -24.18
N GLN B 132 -15.30 -7.52 -23.76
CA GLN B 132 -14.78 -8.86 -23.49
C GLN B 132 -14.25 -9.52 -24.75
N LYS B 133 -14.90 -9.29 -25.89
CA LYS B 133 -14.42 -9.91 -27.12
C LYS B 133 -13.04 -9.39 -27.48
N ARG B 134 -12.83 -8.06 -27.42
CA ARG B 134 -11.51 -7.50 -27.69
C ARG B 134 -10.48 -8.03 -26.69
N LEU B 135 -10.85 -8.10 -25.42
CA LEU B 135 -9.99 -8.69 -24.40
C LEU B 135 -9.60 -10.11 -24.79
N GLU B 136 -10.60 -10.92 -25.17
CA GLU B 136 -10.37 -12.32 -25.53
C GLU B 136 -9.47 -12.44 -26.76
N GLN B 137 -9.67 -11.58 -27.77
CA GLN B 137 -8.83 -11.67 -28.97
C GLN B 137 -7.37 -11.36 -28.65
N GLU B 138 -7.11 -10.28 -27.89
CA GLU B 138 -5.72 -9.96 -27.51
C GLU B 138 -5.09 -11.05 -26.68
N ILE B 139 -5.81 -11.57 -25.68
CA ILE B 139 -5.23 -12.62 -24.86
C ILE B 139 -4.92 -13.85 -25.71
N ALA B 140 -5.86 -14.23 -26.58
CA ALA B 140 -5.66 -15.35 -27.48
C ALA B 140 -4.42 -15.15 -28.36
N ALA B 141 -4.20 -13.93 -28.82
CA ALA B 141 -3.14 -13.61 -29.76
C ALA B 141 -1.77 -13.55 -29.10
N GLN B 142 -1.68 -13.14 -27.82
CA GLN B 142 -0.36 -12.74 -27.37
C GLN B 142 0.03 -13.35 -26.02
N SER B 143 -0.78 -14.26 -25.44
CA SER B 143 -0.48 -14.83 -24.11
C SER B 143 0.90 -15.51 -24.08
N ARG B 144 1.55 -15.41 -22.92
CA ARG B 144 2.82 -16.08 -22.68
C ARG B 144 2.77 -17.58 -22.90
N GLU B 145 1.60 -18.21 -22.73
CA GLU B 145 1.51 -19.65 -22.92
C GLU B 145 1.81 -20.10 -24.34
N ARG B 146 1.50 -19.28 -25.35
CA ARG B 146 1.79 -19.67 -26.72
C ARG B 146 3.23 -19.38 -27.14
N HIS B 147 4.05 -18.76 -26.28
CA HIS B 147 5.41 -18.40 -26.67
C HIS B 147 6.21 -19.67 -26.96
N PRO B 148 7.12 -19.64 -27.94
CA PRO B 148 7.87 -20.86 -28.27
C PRO B 148 8.66 -21.42 -27.11
N MET B 149 9.15 -20.56 -26.22
CA MET B 149 9.85 -21.03 -25.05
C MET B 149 8.93 -21.83 -24.15
N SER B 150 7.68 -21.39 -24.04
CA SER B 150 6.74 -22.02 -23.12
C SER B 150 6.42 -23.44 -23.60
N GLN B 151 6.07 -23.58 -24.88
CA GLN B 151 5.80 -24.89 -25.46
C GLN B 151 7.06 -25.76 -25.38
N TYR B 152 8.25 -25.16 -25.58
CA TYR B 152 9.52 -25.89 -25.43
C TYR B 152 9.69 -26.48 -24.04
N VAL B 153 9.42 -25.71 -23.00
CA VAL B 153 9.56 -26.25 -21.64
C VAL B 153 8.56 -27.38 -21.49
N PHE B 154 7.32 -27.10 -21.93
CA PHE B 154 6.28 -28.10 -21.88
C PHE B 154 6.69 -29.34 -22.66
N SER B 155 7.41 -29.15 -23.77
CA SER B 155 7.83 -30.24 -24.64
C SER B 155 8.69 -31.31 -23.94
N GLY B 156 9.25 -31.03 -22.77
CA GLY B 156 10.13 -31.94 -22.06
C GLY B 156 11.59 -31.69 -22.35
N SER B 157 11.87 -31.19 -23.56
CA SER B 157 13.17 -31.17 -24.21
C SER B 157 14.18 -30.27 -23.50
N ALA B 158 13.81 -29.55 -22.44
CA ALA B 158 14.73 -28.59 -21.89
C ALA B 158 15.78 -29.28 -21.03
N SER B 159 17.03 -28.87 -21.20
CA SER B 159 18.07 -29.35 -20.32
C SER B 159 17.91 -28.74 -18.93
N ARG B 160 18.64 -29.32 -17.96
CA ARG B 160 18.65 -28.75 -16.61
C ARG B 160 19.15 -27.31 -16.60
N ALA B 161 20.24 -27.05 -17.32
CA ALA B 161 20.77 -25.68 -17.45
C ALA B 161 19.72 -24.74 -18.03
N GLN B 162 18.90 -25.23 -18.95
CA GLN B 162 17.89 -24.40 -19.59
C GLN B 162 16.72 -24.18 -18.64
N LEU B 163 16.34 -25.22 -17.87
CA LEU B 163 15.36 -24.95 -16.83
C LEU B 163 15.89 -23.96 -15.80
N GLN B 164 17.19 -24.01 -15.51
CA GLN B 164 17.75 -23.02 -14.57
C GLN B 164 17.60 -21.60 -15.13
N VAL B 165 17.83 -21.43 -16.42
CA VAL B 165 17.62 -20.11 -17.03
C VAL B 165 16.19 -19.65 -16.84
N PHE B 166 15.24 -20.53 -17.19
CA PHE B 166 13.83 -20.18 -17.02
C PHE B 166 13.50 -19.79 -15.57
N LEU B 167 13.96 -20.59 -14.60
CA LEU B 167 13.57 -20.38 -13.21
C LEU B 167 14.29 -19.18 -12.59
N ARG B 168 15.51 -18.89 -13.05
CA ARG B 168 16.22 -17.70 -12.64
C ARG B 168 15.39 -16.46 -12.96
N HIS B 169 14.75 -16.45 -14.14
CA HIS B 169 13.93 -15.26 -14.48
C HIS B 169 12.53 -15.32 -13.87
N GLN B 170 12.00 -16.54 -13.65
CA GLN B 170 10.76 -16.69 -12.89
C GLN B 170 10.90 -16.05 -11.51
N TRP B 171 12.09 -16.18 -10.91
CA TRP B 171 12.34 -15.56 -9.61
C TRP B 171 12.05 -14.06 -9.66
N PHE B 172 12.59 -13.38 -10.69
CA PHE B 172 12.41 -11.93 -10.76
C PHE B 172 10.95 -11.57 -10.97
N ARG B 173 10.19 -12.40 -11.69
CA ARG B 173 8.77 -12.07 -11.84
C ARG B 173 7.99 -12.34 -10.56
N THR B 174 8.33 -13.38 -9.82
CA THR B 174 7.48 -13.77 -8.70
C THR B 174 7.78 -13.07 -7.39
N PHE B 175 9.05 -12.80 -7.09
CA PHE B 175 9.43 -12.66 -5.68
C PHE B 175 8.87 -11.38 -5.05
N ARG B 176 8.53 -10.35 -5.83
CA ARG B 176 7.92 -9.15 -5.27
C ARG B 176 6.60 -8.78 -5.96
N LEU B 177 5.94 -9.74 -6.60
CA LEU B 177 4.65 -9.47 -7.22
C LEU B 177 3.62 -8.98 -6.18
N TYR B 178 3.64 -9.58 -4.98
CA TYR B 178 2.69 -9.19 -3.93
C TYR B 178 2.80 -7.69 -3.61
N ARG B 179 3.99 -7.08 -3.73
CA ARG B 179 4.10 -5.64 -3.45
C ARG B 179 3.37 -4.80 -4.50
N ASP B 180 3.46 -5.22 -5.76
CA ASP B 180 2.72 -4.52 -6.80
C ASP B 180 1.22 -4.64 -6.58
N ALA B 181 0.76 -5.85 -6.20
CA ALA B 181 -0.64 -6.01 -5.86
C ALA B 181 -1.04 -5.12 -4.67
N ALA B 182 -0.16 -4.98 -3.68
CA ALA B 182 -0.47 -4.10 -2.55
C ALA B 182 -0.62 -2.64 -2.97
N ASP B 183 0.17 -2.21 -3.96
CA ASP B 183 0.01 -0.82 -4.43
C ASP B 183 -1.38 -0.65 -5.05
N LEU B 184 -1.85 -1.69 -5.75
CA LEU B 184 -3.22 -1.61 -6.27
C LEU B 184 -4.25 -1.61 -5.13
N LEU B 185 -4.08 -2.49 -4.13
CA LEU B 185 -4.96 -2.48 -2.96
C LEU B 185 -5.06 -1.08 -2.36
N VAL B 186 -3.91 -0.42 -2.21
CA VAL B 186 -3.88 0.90 -1.60
C VAL B 186 -4.70 1.88 -2.41
N ASN B 187 -4.74 1.70 -3.74
CA ASN B 187 -5.48 2.66 -4.56
C ASN B 187 -6.96 2.31 -4.79
N LEU B 188 -7.47 1.21 -4.24
CA LEU B 188 -8.89 0.81 -4.35
C LEU B 188 -9.66 1.37 -3.16
N THR B 189 -10.30 2.54 -3.34
CA THR B 189 -10.93 3.23 -2.20
C THR B 189 -12.17 2.50 -1.66
N ASP B 190 -12.86 1.72 -2.49
CA ASP B 190 -14.03 0.96 -2.06
C ASP B 190 -13.63 -0.21 -1.15
N VAL B 191 -14.23 -0.27 0.04
CA VAL B 191 -13.83 -1.26 1.04
C VAL B 191 -13.98 -2.70 0.52
N ASP B 192 -15.03 -2.99 -0.24
CA ASP B 192 -15.22 -4.35 -0.73
C ASP B 192 -14.20 -4.75 -1.80
N GLU B 193 -13.68 -3.77 -2.54
CA GLU B 193 -12.71 -4.12 -3.57
C GLU B 193 -11.33 -4.27 -2.95
N ALA B 194 -11.03 -3.42 -1.96
CA ALA B 194 -9.85 -3.63 -1.16
C ALA B 194 -9.89 -4.98 -0.47
N ALA B 195 -11.07 -5.40 0.03
CA ALA B 195 -11.19 -6.74 0.60
C ALA B 195 -10.80 -7.81 -0.42
N ALA B 196 -11.25 -7.65 -1.68
CA ALA B 196 -10.90 -8.62 -2.72
C ALA B 196 -9.38 -8.72 -2.93
N LEU B 197 -8.71 -7.56 -2.98
CA LEU B 197 -7.26 -7.61 -3.16
C LEU B 197 -6.57 -8.13 -1.91
N ALA B 198 -7.14 -7.87 -0.75
CA ALA B 198 -6.62 -8.44 0.49
C ALA B 198 -6.72 -9.96 0.47
N ARG B 199 -7.81 -10.52 -0.07
CA ARG B 199 -7.89 -11.97 -0.15
C ARG B 199 -6.81 -12.51 -1.07
N TYR B 200 -6.55 -11.77 -2.14
CA TYR B 200 -5.47 -12.15 -3.04
C TYR B 200 -4.13 -12.13 -2.30
N LEU B 201 -3.85 -11.02 -1.60
CA LEU B 201 -2.60 -10.88 -0.88
C LEU B 201 -2.41 -11.99 0.16
N TYR B 202 -3.48 -12.28 0.91
CA TYR B 202 -3.46 -13.32 1.92
C TYR B 202 -3.04 -14.64 1.31
N GLY B 203 -3.69 -15.01 0.20
CA GLY B 203 -3.32 -16.24 -0.50
C GLY B 203 -1.88 -16.18 -0.98
N GLU B 204 -1.47 -15.05 -1.56
CA GLU B 204 -0.13 -14.92 -2.12
C GLU B 204 0.96 -14.98 -1.05
N LEU B 205 0.65 -14.59 0.17
CA LEU B 205 1.66 -14.58 1.23
C LEU B 205 1.49 -15.76 2.17
N GLY B 206 0.78 -16.80 1.75
CA GLY B 206 0.78 -18.07 2.44
C GLY B 206 -0.33 -18.26 3.45
N GLU B 207 -1.35 -17.40 3.45
CA GLU B 207 -2.49 -17.53 4.36
C GLU B 207 -1.99 -17.46 5.78
N GLU B 208 -2.15 -18.50 6.60
CA GLU B 208 -1.69 -18.40 7.97
C GLU B 208 -0.22 -18.76 8.17
N ASP B 209 0.45 -19.28 7.14
CA ASP B 209 1.83 -19.76 7.29
C ASP B 209 2.75 -19.08 6.29
N GLU B 210 3.55 -18.11 6.76
CA GLU B 210 4.40 -17.37 5.83
C GLU B 210 5.48 -18.25 5.20
N LYS B 211 5.78 -19.41 5.78
CA LYS B 211 6.71 -20.33 5.11
C LYS B 211 6.14 -20.85 3.80
N GLY B 212 4.83 -20.73 3.61
CA GLY B 212 4.20 -21.20 2.40
C GLY B 212 3.84 -20.04 1.48
N SER B 213 4.40 -18.84 1.71
CA SER B 213 4.13 -17.74 0.79
C SER B 213 4.64 -18.11 -0.61
N HIS B 214 4.01 -17.53 -1.63
CA HIS B 214 4.36 -17.98 -2.96
C HIS B 214 5.80 -17.66 -3.36
N PRO B 215 6.37 -16.52 -2.96
CA PRO B 215 7.82 -16.37 -3.15
C PRO B 215 8.63 -17.46 -2.46
N ARG B 216 8.27 -17.87 -1.25
CA ARG B 216 9.06 -18.91 -0.61
C ARG B 216 8.82 -20.29 -1.21
N LEU B 217 7.62 -20.59 -1.70
CA LEU B 217 7.43 -21.81 -2.47
C LEU B 217 8.33 -21.82 -3.72
N LEU B 218 8.41 -20.69 -4.41
CA LEU B 218 9.27 -20.67 -5.59
C LEU B 218 10.73 -20.77 -5.19
N ALA B 219 11.09 -20.17 -4.05
CA ALA B 219 12.46 -20.29 -3.53
C ALA B 219 12.82 -21.73 -3.23
N LYS B 220 11.88 -22.50 -2.67
CA LYS B 220 12.10 -23.92 -2.43
C LYS B 220 12.37 -24.65 -3.74
N LEU B 221 11.57 -24.33 -4.76
CA LEU B 221 11.78 -24.93 -6.07
C LEU B 221 13.16 -24.54 -6.63
N LEU B 222 13.53 -23.26 -6.53
CA LEU B 222 14.85 -22.82 -7.01
C LEU B 222 15.97 -23.59 -6.28
N GLU B 223 15.87 -23.69 -4.95
CA GLU B 223 16.86 -24.40 -4.16
C GLU B 223 16.99 -25.85 -4.60
N ALA B 224 15.90 -26.48 -5.02
CA ALA B 224 16.01 -27.88 -5.38
C ALA B 224 16.88 -28.08 -6.61
N ILE B 225 16.94 -27.10 -7.53
CA ILE B 225 17.69 -27.22 -8.77
C ILE B 225 19.05 -26.53 -8.75
N GLY B 226 19.52 -26.07 -7.60
CA GLY B 226 20.88 -25.57 -7.55
C GLY B 226 21.01 -24.08 -7.69
N LEU B 227 19.94 -23.33 -7.58
CA LEU B 227 19.99 -21.90 -7.81
C LEU B 227 19.78 -21.17 -6.49
N GLU B 228 20.24 -19.93 -6.45
CA GLU B 228 19.95 -19.08 -5.31
C GLU B 228 18.69 -18.26 -5.55
N ALA B 229 17.98 -18.00 -4.47
CA ALA B 229 16.79 -17.17 -4.47
C ALA B 229 17.16 -16.02 -3.56
N ASP B 230 17.51 -14.89 -4.16
CA ASP B 230 18.06 -13.76 -3.45
C ASP B 230 16.96 -12.71 -3.29
N PHE B 231 16.56 -12.43 -2.06
CA PHE B 231 15.53 -11.41 -1.90
C PHE B 231 16.06 -10.00 -2.15
N GLN B 232 17.37 -9.82 -2.34
CA GLN B 232 17.93 -8.56 -2.78
C GLN B 232 18.38 -8.59 -4.24
N ALA B 233 17.81 -9.47 -5.04
CA ALA B 233 18.29 -9.63 -6.42
C ALA B 233 18.06 -8.36 -7.23
N VAL B 234 19.05 -8.01 -8.05
CA VAL B 234 18.98 -6.85 -8.92
C VAL B 234 19.26 -7.34 -10.35
N SER B 235 18.31 -7.13 -11.25
CA SER B 235 18.42 -7.66 -12.60
C SER B 235 19.40 -6.82 -13.44
N THR B 236 20.08 -7.48 -14.37
CA THR B 236 20.88 -6.81 -15.38
C THR B 236 20.43 -7.15 -16.79
N MET B 237 19.28 -7.82 -16.93
CA MET B 237 18.71 -8.09 -18.24
C MET B 237 17.83 -6.92 -18.61
N PRO B 238 18.14 -6.19 -19.70
CA PRO B 238 17.33 -5.01 -20.05
C PRO B 238 15.85 -5.28 -20.26
N GLU B 239 15.48 -6.39 -20.91
CA GLU B 239 14.08 -6.69 -21.15
C GLU B 239 13.35 -7.06 -19.87
N GLU B 240 14.09 -7.60 -18.91
CA GLU B 240 13.52 -7.95 -17.61
C GLU B 240 13.29 -6.69 -16.80
N ILE B 241 14.27 -5.80 -16.80
CA ILE B 241 14.11 -4.50 -16.17
C ILE B 241 12.92 -3.79 -16.77
N ALA B 242 12.80 -3.81 -18.11
CA ALA B 242 11.66 -3.19 -18.77
C ALA B 242 10.33 -3.79 -18.30
N TYR B 243 10.31 -5.11 -18.10
CA TYR B 243 9.07 -5.76 -17.65
C TYR B 243 8.72 -5.37 -16.22
N LEU B 244 9.69 -5.45 -15.31
CA LEU B 244 9.41 -5.10 -13.91
C LEU B 244 9.04 -3.63 -13.76
N ASN B 245 9.73 -2.73 -14.48
CA ASN B 245 9.40 -1.30 -14.44
C ASN B 245 7.97 -1.06 -14.87
N ASN B 246 7.57 -1.68 -15.99
CA ASN B 246 6.19 -1.49 -16.47
C ASN B 246 5.17 -2.04 -15.49
N ARG B 247 5.44 -3.20 -14.90
CA ARG B 247 4.45 -3.79 -14.01
C ARG B 247 4.26 -2.91 -12.77
N ALA B 248 5.36 -2.44 -12.17
CA ALA B 248 5.25 -1.51 -11.04
C ALA B 248 4.55 -0.21 -11.41
N ARG B 249 4.83 0.33 -12.60
CA ARG B 249 4.12 1.53 -13.04
C ARG B 249 2.61 1.27 -13.10
N ALA B 250 2.21 0.16 -13.72
CA ALA B 250 0.79 -0.12 -13.92
C ALA B 250 0.08 -0.36 -12.60
N PHE B 251 0.68 -1.16 -11.70
CA PHE B 251 0.01 -1.41 -10.42
C PHE B 251 -0.03 -0.14 -9.55
N ARG B 252 0.86 0.82 -9.79
CA ARG B 252 0.86 2.02 -8.96
C ARG B 252 0.05 3.16 -9.57
N HIS B 253 -0.53 2.96 -10.76
CA HIS B 253 -1.15 4.07 -11.47
C HIS B 253 -2.38 4.54 -10.71
N ALA B 254 -2.58 5.87 -10.68
CA ALA B 254 -3.77 6.45 -10.04
C ALA B 254 -5.08 6.02 -10.70
N GLU B 255 -5.07 5.77 -12.01
N GLU B 255 -5.09 5.85 -12.02
CA GLU B 255 -6.23 5.24 -12.73
CA GLU B 255 -6.25 5.23 -12.68
C GLU B 255 -6.14 3.71 -12.71
C GLU B 255 -6.04 3.73 -12.62
N VAL B 256 -6.82 3.06 -11.76
CA VAL B 256 -6.64 1.64 -11.50
C VAL B 256 -6.89 0.72 -12.68
N GLY B 257 -7.44 1.21 -13.79
CA GLY B 257 -7.49 0.41 -15.01
C GLY B 257 -6.16 -0.16 -15.43
N TRP B 258 -5.06 0.58 -15.22
CA TRP B 258 -3.75 0.09 -15.65
C TRP B 258 -3.34 -1.15 -14.85
N GLY B 259 -3.55 -1.06 -13.54
CA GLY B 259 -3.21 -2.16 -12.67
C GLY B 259 -4.18 -3.30 -12.82
N LEU B 260 -5.47 -2.99 -12.94
CA LEU B 260 -6.45 -4.07 -13.12
C LEU B 260 -6.20 -4.84 -14.39
N ALA B 261 -5.74 -4.17 -15.45
CA ALA B 261 -5.39 -4.87 -16.69
C ALA B 261 -4.28 -5.87 -16.43
N VAL B 262 -3.18 -5.42 -15.80
CA VAL B 262 -2.06 -6.36 -15.61
C VAL B 262 -2.44 -7.47 -14.63
N PHE B 263 -3.09 -7.10 -13.53
CA PHE B 263 -3.56 -8.05 -12.51
C PHE B 263 -4.43 -9.12 -13.15
N TYR B 264 -5.41 -8.69 -13.94
CA TYR B 264 -6.38 -9.63 -14.43
C TYR B 264 -5.80 -10.52 -15.51
N ILE B 265 -4.94 -9.98 -16.40
CA ILE B 265 -4.36 -10.89 -17.38
C ILE B 265 -3.46 -11.92 -16.70
N THR B 266 -2.82 -11.56 -15.58
CA THR B 266 -2.03 -12.55 -14.87
C THR B 266 -2.95 -13.56 -14.18
N GLU B 267 -3.83 -13.10 -13.31
CA GLU B 267 -4.76 -14.01 -12.64
C GLU B 267 -5.58 -14.86 -13.61
N LEU B 268 -5.73 -14.44 -14.87
CA LEU B 268 -6.48 -15.24 -15.84
C LEU B 268 -5.60 -16.26 -16.55
N VAL B 269 -4.33 -15.96 -16.83
CA VAL B 269 -3.49 -16.86 -17.64
C VAL B 269 -2.73 -17.85 -16.75
N VAL B 270 -2.48 -17.48 -15.48
CA VAL B 270 -1.63 -18.26 -14.58
C VAL B 270 -2.05 -19.74 -14.48
N PRO B 271 -3.32 -20.07 -14.28
CA PRO B 271 -3.66 -21.49 -14.04
C PRO B 271 -3.30 -22.45 -15.16
N GLY B 272 -3.66 -22.17 -16.42
CA GLY B 272 -3.29 -23.08 -17.49
C GLY B 272 -1.79 -23.16 -17.74
N ASN B 273 -1.12 -22.02 -17.66
CA ASN B 273 0.33 -21.99 -17.88
C ASN B 273 1.02 -22.76 -16.75
N HIS B 274 0.56 -22.56 -15.51
CA HIS B 274 1.20 -23.19 -14.38
C HIS B 274 0.88 -24.69 -14.36
N GLU B 275 -0.29 -25.08 -14.89
CA GLU B 275 -0.60 -26.50 -15.01
C GLU B 275 0.39 -27.20 -15.92
N LYS B 276 0.70 -26.56 -17.07
CA LYS B 276 1.63 -27.18 -18.01
C LYS B 276 3.06 -27.09 -17.49
N LEU B 277 3.43 -26.00 -16.80
CA LEU B 277 4.78 -25.91 -16.22
C LEU B 277 4.96 -26.91 -15.09
N TYR B 278 3.93 -27.09 -14.27
CA TYR B 278 3.94 -28.09 -13.21
C TYR B 278 4.20 -29.48 -13.79
N ARG B 279 3.42 -29.85 -14.82
CA ARG B 279 3.60 -31.16 -15.43
C ARG B 279 5.02 -31.30 -15.98
N ALA B 280 5.54 -30.21 -16.59
CA ALA B 280 6.88 -30.26 -17.15
C ALA B 280 7.96 -30.43 -16.08
N LEU B 281 7.80 -29.78 -14.93
CA LEU B 281 8.82 -29.92 -13.89
C LEU B 281 8.79 -31.31 -13.26
N LEU B 282 7.61 -31.89 -13.01
CA LEU B 282 7.63 -33.29 -12.56
C LEU B 282 8.25 -34.19 -13.62
N GLN B 283 8.00 -33.90 -14.90
CA GLN B 283 8.65 -34.67 -15.94
C GLN B 283 10.16 -34.38 -16.01
N ALA B 284 10.64 -33.33 -15.35
CA ALA B 284 12.08 -33.08 -15.23
C ALA B 284 12.71 -33.75 -14.00
N GLY B 285 11.91 -34.53 -13.26
CA GLY B 285 12.21 -35.39 -12.11
C GLY B 285 12.02 -34.84 -10.71
N LEU B 286 11.60 -33.60 -10.56
CA LEU B 286 11.19 -33.04 -9.27
C LEU B 286 9.78 -33.44 -8.88
N SER B 287 9.56 -33.52 -7.58
CA SER B 287 8.35 -33.91 -6.88
C SER B 287 7.24 -32.89 -6.82
N GLU B 288 6.10 -33.45 -6.41
CA GLU B 288 4.89 -32.69 -6.15
C GLU B 288 5.16 -31.56 -5.16
N ASP B 289 5.92 -31.85 -4.10
CA ASP B 289 6.21 -30.82 -3.08
C ASP B 289 7.16 -29.70 -3.57
N GLN B 290 8.14 -30.04 -4.37
CA GLN B 290 9.10 -29.07 -4.89
C GLN B 290 8.49 -28.10 -5.87
N ALA B 291 7.54 -28.56 -6.67
CA ALA B 291 6.91 -27.77 -7.70
C ALA B 291 5.60 -27.20 -7.20
N GLU B 292 5.42 -27.20 -5.89
CA GLU B 292 4.18 -26.76 -5.26
C GLU B 292 3.85 -25.35 -5.73
N TYR B 293 4.88 -24.55 -5.97
CA TYR B 293 4.67 -23.17 -6.44
C TYR B 293 3.73 -23.15 -7.63
N TYR B 294 3.95 -24.04 -8.60
CA TYR B 294 3.05 -24.07 -9.74
C TYR B 294 1.75 -24.79 -9.43
N LYS B 295 1.83 -25.85 -8.59
CA LYS B 295 0.61 -26.62 -8.37
C LYS B 295 -0.43 -25.74 -7.70
N VAL B 296 -0.03 -25.00 -6.67
CA VAL B 296 -1.08 -24.32 -5.92
C VAL B 296 -1.81 -23.31 -6.79
N HIS B 297 -1.15 -22.74 -7.83
CA HIS B 297 -1.89 -21.71 -8.54
C HIS B 297 -2.99 -22.34 -9.36
N ILE B 298 -2.76 -23.58 -9.77
CA ILE B 298 -3.69 -24.24 -10.65
C ILE B 298 -4.98 -24.38 -9.90
N SER B 299 -4.88 -24.72 -8.61
CA SER B 299 -6.10 -24.84 -7.85
C SER B 299 -6.47 -23.57 -7.06
N LEU B 300 -5.52 -22.74 -6.62
CA LEU B 300 -5.93 -21.60 -5.76
C LEU B 300 -6.70 -20.50 -6.51
N VAL B 301 -6.29 -20.19 -7.75
CA VAL B 301 -6.67 -18.97 -8.48
C VAL B 301 -8.02 -18.93 -9.20
N PRO B 302 -8.47 -19.95 -9.93
CA PRO B 302 -9.70 -19.78 -10.76
C PRO B 302 -10.89 -19.20 -10.02
N PRO B 303 -11.29 -19.74 -8.85
CA PRO B 303 -12.49 -19.16 -8.22
C PRO B 303 -12.31 -17.73 -7.75
N ARG B 304 -11.13 -17.37 -7.26
CA ARG B 304 -10.94 -16.00 -6.81
C ARG B 304 -10.94 -15.05 -8.00
N ALA B 305 -10.39 -15.51 -9.14
CA ALA B 305 -10.47 -14.71 -10.35
C ALA B 305 -11.91 -14.38 -10.72
N LYS B 306 -12.84 -15.32 -10.49
CA LYS B 306 -14.22 -15.02 -10.85
C LYS B 306 -14.76 -13.88 -10.02
N ARG B 307 -14.41 -13.82 -8.73
CA ARG B 307 -14.81 -12.70 -7.87
C ARG B 307 -14.08 -11.41 -8.24
N GLU B 308 -12.81 -11.52 -8.62
CA GLU B 308 -12.04 -10.32 -8.92
C GLU B 308 -12.53 -9.62 -10.18
N TRP B 309 -13.11 -10.38 -11.11
CA TRP B 309 -13.70 -9.80 -12.30
C TRP B 309 -14.71 -8.69 -12.03
N GLN B 310 -15.43 -8.73 -10.89
CA GLN B 310 -16.42 -7.66 -10.70
C GLN B 310 -15.78 -6.29 -10.63
N LEU B 311 -14.54 -6.20 -10.14
CA LEU B 311 -13.88 -4.90 -10.08
C LEU B 311 -13.69 -4.35 -11.48
N ILE B 312 -13.60 -5.22 -12.46
CA ILE B 312 -13.49 -4.79 -13.84
C ILE B 312 -14.88 -4.57 -14.43
N ALA B 313 -15.79 -5.52 -14.21
CA ALA B 313 -17.16 -5.37 -14.73
C ALA B 313 -17.78 -4.04 -14.28
N ARG B 314 -17.54 -3.66 -13.02
N ARG B 314 -17.53 -3.66 -13.02
CA ARG B 314 -18.09 -2.42 -12.47
CA ARG B 314 -18.08 -2.43 -12.47
C ARG B 314 -17.68 -1.21 -13.32
C ARG B 314 -17.67 -1.20 -13.29
N ARG B 315 -16.52 -1.26 -13.95
CA ARG B 315 -15.93 -0.09 -14.58
C ARG B 315 -16.07 -0.08 -16.10
N ILE B 316 -16.51 -1.18 -16.69
CA ILE B 316 -16.69 -1.28 -18.15
C ILE B 316 -17.37 -0.04 -18.73
N PRO B 317 -18.49 0.45 -18.17
CA PRO B 317 -19.19 1.59 -18.81
C PRO B 317 -18.35 2.86 -18.97
N ASP B 318 -17.24 2.98 -18.26
CA ASP B 318 -16.42 4.20 -18.25
C ASP B 318 -15.33 4.09 -19.31
N VAL B 319 -15.42 4.95 -20.33
CA VAL B 319 -14.46 4.87 -21.44
C VAL B 319 -13.07 5.27 -20.99
N GLN B 320 -12.95 6.13 -19.97
CA GLN B 320 -11.62 6.44 -19.46
C GLN B 320 -10.98 5.19 -18.87
N PHE B 321 -11.79 4.38 -18.19
CA PHE B 321 -11.31 3.09 -17.69
C PHE B 321 -10.95 2.17 -18.85
N GLN B 322 -11.83 2.08 -19.85
CA GLN B 322 -11.56 1.19 -20.96
C GLN B 322 -10.25 1.57 -21.65
N ASN B 323 -10.00 2.86 -21.82
CA ASN B 323 -8.78 3.27 -22.49
C ASN B 323 -7.54 3.00 -21.65
N ALA B 324 -7.59 3.28 -20.33
CA ALA B 324 -6.47 2.92 -19.47
C ALA B 324 -6.21 1.41 -19.46
N PHE B 325 -7.26 0.62 -19.29
CA PHE B 325 -7.16 -0.84 -19.23
C PHE B 325 -6.58 -1.40 -20.54
N LEU B 326 -7.14 -0.99 -21.68
CA LEU B 326 -6.71 -1.58 -22.92
C LEU B 326 -5.33 -1.10 -23.34
N THR B 327 -5.00 0.17 -23.06
CA THR B 327 -3.63 0.63 -23.29
C THR B 327 -2.63 -0.12 -22.43
N SER B 328 -2.97 -0.31 -21.13
CA SER B 328 -2.06 -1.03 -20.24
C SER B 328 -1.90 -2.46 -20.69
N LEU B 329 -2.99 -3.12 -21.08
CA LEU B 329 -2.89 -4.51 -21.53
C LEU B 329 -1.96 -4.62 -22.72
N SER B 330 -2.13 -3.72 -23.71
CA SER B 330 -1.31 -3.80 -24.92
C SER B 330 0.17 -3.56 -24.60
N GLN B 331 0.45 -2.57 -23.74
CA GLN B 331 1.84 -2.30 -23.38
C GLN B 331 2.44 -3.46 -22.58
N HIS B 332 1.66 -4.03 -21.67
CA HIS B 332 2.14 -5.18 -20.90
C HIS B 332 2.51 -6.32 -21.84
N PHE B 333 1.66 -6.60 -22.83
CA PHE B 333 2.00 -7.70 -23.72
C PHE B 333 3.24 -7.39 -24.54
N ARG B 334 3.41 -6.14 -24.98
CA ARG B 334 4.62 -5.81 -25.73
C ARG B 334 5.88 -6.05 -24.89
N VAL B 335 5.85 -5.62 -23.63
CA VAL B 335 7.07 -5.79 -22.84
C VAL B 335 7.24 -7.25 -22.42
N GLU B 336 6.14 -7.98 -22.17
CA GLU B 336 6.23 -9.40 -21.84
C GLU B 336 6.80 -10.20 -22.99
N ARG B 337 6.34 -9.92 -24.20
CA ARG B 337 6.86 -10.66 -25.34
C ARG B 337 8.34 -10.38 -25.56
N ALA B 338 8.79 -9.12 -25.46
CA ALA B 338 10.22 -8.86 -25.62
C ALA B 338 11.05 -9.50 -24.48
N TYR B 339 10.48 -9.55 -23.28
CA TYR B 339 11.17 -10.19 -22.17
C TYR B 339 11.28 -11.69 -22.40
N TYR B 340 10.18 -12.32 -22.81
CA TYR B 340 10.21 -13.75 -23.07
C TYR B 340 11.15 -14.06 -24.21
N ASP B 341 11.19 -13.20 -25.24
CA ASP B 341 12.15 -13.37 -26.33
C ASP B 341 13.59 -13.37 -25.81
N ALA B 342 13.90 -12.47 -24.89
CA ALA B 342 15.29 -12.41 -24.42
C ALA B 342 15.65 -13.62 -23.55
N ILE B 343 14.71 -14.05 -22.70
CA ILE B 343 14.89 -15.30 -21.95
C ILE B 343 15.11 -16.47 -22.91
N TRP B 344 14.33 -16.55 -23.98
CA TRP B 344 14.42 -17.67 -24.91
C TRP B 344 15.76 -17.70 -25.60
N GLU B 345 16.27 -16.53 -26.00
CA GLU B 345 17.59 -16.43 -26.59
C GLU B 345 18.67 -16.89 -25.61
N GLU B 346 18.58 -16.45 -24.36
CA GLU B 346 19.54 -16.88 -23.36
C GLU B 346 19.47 -18.40 -23.15
N MET B 347 18.25 -18.94 -23.13
CA MET B 347 18.06 -20.36 -22.89
C MET B 347 18.71 -21.18 -23.97
N GLN B 348 18.63 -20.68 -25.20
CA GLN B 348 19.17 -21.39 -26.34
C GLN B 348 20.66 -21.19 -26.50
N SER B 349 21.24 -20.20 -25.80
CA SER B 349 22.69 -20.05 -25.81
C SER B 349 23.42 -21.05 -24.91
N VAL B 350 22.70 -21.83 -24.11
CA VAL B 350 23.30 -22.84 -23.24
C VAL B 350 22.83 -24.23 -23.64
N LYS B 351 23.53 -25.23 -23.14
CA LYS B 351 23.11 -26.62 -23.32
C LYS B 351 23.27 -27.39 -22.01
FE FE2 C . -10.76 -4.99 13.66
C1 A1AL2 D . -10.19 0.89 16.84
N1 A1AL2 D . -8.88 -4.01 15.19
C2 A1AL2 D . -10.92 1.47 18.04
C3 A1AL2 D . -8.67 1.17 16.89
C4 A1AL2 D . -8.20 2.60 17.17
C6 A1AL2 D . -9.51 -1.70 15.61
C7 A1AL2 D . -9.70 -3.19 15.69
O2 A1AL2 D . -7.74 -3.61 14.53
O10 A1AL2 D . -7.89 3.37 16.23
O11 A1AL2 D . -8.11 2.96 18.37
O8 A1AL2 D . -11.22 2.69 18.05
O9 A1AL2 D . -11.20 0.67 18.99
S5 A1AL2 D . -10.52 -0.85 16.76
FE FE2 E . 0.69 -16.42 -6.56
C1 A1AL2 F . 3.90 -14.36 -12.35
C1 A1AL2 F . 4.30 -14.43 -12.32
N1 A1AL2 F . 0.65 -14.83 -9.18
N1 A1AL2 F . 2.81 -15.73 -8.52
C2 A1AL2 F . 4.49 -15.26 -13.41
C2 A1AL2 F . 4.37 -15.55 -13.32
C3 A1AL2 F . 3.29 -13.09 -12.93
C3 A1AL2 F . 3.37 -13.30 -12.76
C4 A1AL2 F . 4.25 -12.27 -13.76
C4 A1AL2 F . 4.07 -12.37 -13.74
C6 A1AL2 F . 2.94 -15.33 -9.77
C6 A1AL2 F . 2.01 -15.33 -10.68
C7 A1AL2 F . 1.65 -15.58 -9.04
C7 A1AL2 F . 1.75 -15.54 -9.21
O2 A1AL2 F . -0.53 -15.08 -8.49
O2 A1AL2 F . 2.86 -15.95 -7.16
O10 A1AL2 F . 4.67 -11.18 -13.31
O10 A1AL2 F . 4.15 -11.14 -13.50
O11 A1AL2 F . 4.58 -12.71 -14.88
O11 A1AL2 F . 4.57 -12.89 -14.77
O8 A1AL2 F . 3.79 -16.20 -13.87
O8 A1AL2 F . 3.41 -16.37 -13.40
O9 A1AL2 F . 5.66 -15.05 -13.79
O9 A1AL2 F . 5.40 -15.63 -14.03
S5 A1AL2 F . 2.60 -15.25 -11.51
S5 A1AL2 F . 3.76 -15.09 -10.76
#